data_6ZQQ
#
_entry.id   6ZQQ
#
_cell.length_a   55.289
_cell.length_b   64.306
_cell.length_c   65.555
_cell.angle_alpha   107.900
_cell.angle_beta   99.850
_cell.angle_gamma   99.720
#
_symmetry.space_group_name_H-M   'P 1'
#
loop_
_entity.id
_entity.type
_entity.pdbx_description
1 polymer 'PMT3 isoform 1'
2 non-polymer GLYCEROL
3 water water
#
_entity_poly.entity_id   1
_entity_poly.type   'polypeptide(L)'
_entity_poly.pdbx_seq_one_letter_code
;MKHHHHHHPMGPRDVALGSSIISIKNQALGGALLHSHVQPFPEGSEQQQVTVYGYSDANNEWFFQRIRGVEPWTDAENKT
IEFVKGGEMYRLMHRLTGKNLHTHEVPAPISKSEYEVSAYGDVDLGDYKDNWIIEIVEQVGEEDPTLLHPLSTSFRIKNS
ILGCYLAQSGKHLPEWGFRQGEVVCLKHASKRDKRTWWNIETHENERLPQGE
;
_entity_poly.pdbx_strand_id   A,B,C,D
#
# COMPACT_ATOMS: atom_id res chain seq x y z
N GLY A 11 2.37 -15.23 12.73
CA GLY A 11 3.82 -15.13 12.75
C GLY A 11 4.50 -16.13 13.66
N PRO A 12 5.79 -16.39 13.43
CA PRO A 12 6.55 -17.27 14.32
C PRO A 12 6.61 -16.71 15.73
N ARG A 13 6.84 -17.62 16.68
CA ARG A 13 6.69 -17.27 18.10
C ARG A 13 7.90 -16.54 18.68
N ASP A 14 9.08 -16.61 18.06
CA ASP A 14 10.29 -16.00 18.59
C ASP A 14 10.91 -15.10 17.54
N VAL A 15 11.20 -13.85 17.91
CA VAL A 15 11.74 -12.86 16.98
C VAL A 15 13.23 -13.07 16.81
N ALA A 16 13.70 -13.01 15.57
CA ALA A 16 15.10 -13.24 15.25
C ALA A 16 15.76 -11.94 14.80
N LEU A 17 17.03 -11.81 15.17
CA LEU A 17 17.85 -10.70 14.70
C LEU A 17 17.96 -10.71 13.18
N GLY A 18 17.72 -9.55 12.57
CA GLY A 18 17.96 -9.38 11.13
C GLY A 18 16.89 -9.91 10.20
N SER A 19 16.52 -11.19 10.33
CA SER A 19 15.60 -11.81 9.37
C SER A 19 14.14 -11.71 9.76
N SER A 20 13.82 -11.29 10.99
CA SER A 20 12.44 -11.12 11.40
C SER A 20 11.99 -9.70 11.06
N ILE A 21 10.93 -9.59 10.26
CA ILE A 21 10.28 -8.32 9.95
C ILE A 21 9.10 -8.16 10.89
N ILE A 22 9.06 -7.03 11.61
CA ILE A 22 8.07 -6.83 12.65
C ILE A 22 7.45 -5.45 12.54
N SER A 23 6.22 -5.33 13.02
CA SER A 23 5.63 -4.05 13.37
C SER A 23 5.48 -4.03 14.89
N ILE A 24 5.49 -2.83 15.46
CA ILE A 24 5.63 -2.64 16.89
C ILE A 24 4.53 -1.70 17.35
N LYS A 25 3.69 -2.15 18.27
CA LYS A 25 2.52 -1.40 18.69
C LYS A 25 2.69 -0.84 20.09
N ASN A 26 2.28 0.41 20.27
CA ASN A 26 2.28 1.02 21.59
C ASN A 26 1.09 0.53 22.41
N GLN A 27 1.28 0.44 23.71
CA GLN A 27 0.26 -0.15 24.57
C GLN A 27 -0.58 0.87 25.33
N ALA A 28 -0.27 2.16 25.21
CA ALA A 28 -1.14 3.14 25.84
C ALA A 28 -2.48 3.21 25.09
N LEU A 29 -3.45 3.87 25.72
CA LEU A 29 -4.74 4.11 25.07
C LEU A 29 -4.52 4.90 23.78
N GLY A 30 -5.13 4.42 22.70
CA GLY A 30 -4.85 4.98 21.39
C GLY A 30 -3.50 4.58 20.84
N GLY A 31 -2.90 3.52 21.37
CA GLY A 31 -1.57 3.13 20.93
C GLY A 31 -1.56 2.71 19.48
N ALA A 32 -0.54 3.17 18.75
CA ALA A 32 -0.48 2.86 17.32
C ALA A 32 0.86 2.24 16.93
N LEU A 33 1.14 2.16 15.63
CA LEU A 33 2.28 1.39 15.13
C LEU A 33 3.45 2.30 14.82
N LEU A 34 4.63 1.92 15.33
CA LEU A 34 5.85 2.67 15.06
C LEU A 34 6.11 2.74 13.56
N HIS A 35 6.45 3.93 13.08
CA HIS A 35 6.29 4.26 11.66
C HIS A 35 7.40 5.23 11.26
N SER A 36 7.84 5.11 10.01
CA SER A 36 8.69 6.16 9.44
C SER A 36 8.33 6.30 7.97
N HIS A 37 8.75 7.41 7.37
CA HIS A 37 8.46 7.70 5.97
C HIS A 37 9.45 8.74 5.51
N VAL A 38 9.60 8.88 4.19
CA VAL A 38 10.58 9.83 3.64
C VAL A 38 9.96 11.22 3.64
N GLN A 39 9.83 11.80 4.82
CA GLN A 39 9.38 13.16 5.07
C GLN A 39 10.28 13.67 6.19
N PRO A 40 10.80 14.89 6.10
CA PRO A 40 11.66 15.43 7.14
C PRO A 40 10.90 16.29 8.16
N PHE A 41 11.43 16.31 9.38
CA PHE A 41 10.97 17.32 10.33
C PHE A 41 11.25 18.70 9.80
N PRO A 42 10.30 19.65 9.90
CA PRO A 42 10.58 21.01 9.41
C PRO A 42 11.52 21.78 10.32
N GLU A 43 11.53 21.45 11.61
CA GLU A 43 12.43 22.10 12.56
C GLU A 43 13.27 21.03 13.25
N GLY A 44 13.67 21.28 14.48
CA GLY A 44 14.45 20.28 15.20
C GLY A 44 15.72 19.93 14.45
N SER A 45 15.98 18.63 14.34
CA SER A 45 17.13 18.13 13.59
C SER A 45 16.90 18.10 12.09
N GLU A 46 15.65 18.27 11.64
CA GLU A 46 15.28 18.22 10.22
C GLU A 46 15.62 16.87 9.59
N GLN A 47 15.78 15.83 10.41
CA GLN A 47 16.01 14.49 9.91
C GLN A 47 14.69 13.82 9.58
N GLN A 48 14.77 12.58 9.09
CA GLN A 48 13.58 11.87 8.66
C GLN A 48 12.66 11.62 9.85
N GLN A 49 11.36 11.84 9.64
CA GLN A 49 10.37 11.71 10.71
C GLN A 49 10.20 10.27 11.17
N VAL A 50 9.88 10.13 12.45
CA VAL A 50 9.37 8.89 13.03
C VAL A 50 8.07 9.25 13.74
N THR A 51 7.05 8.40 13.55
CA THR A 51 5.70 8.66 14.03
C THR A 51 5.08 7.34 14.49
N VAL A 52 3.81 7.41 14.89
CA VAL A 52 2.96 6.23 14.97
C VAL A 52 1.81 6.40 13.98
N TYR A 53 1.42 5.28 13.35
CA TYR A 53 0.40 5.24 12.31
C TYR A 53 -0.62 4.17 12.67
N GLY A 54 -1.86 4.38 12.27
CA GLY A 54 -2.98 3.59 12.75
C GLY A 54 -3.41 2.43 11.88
N TYR A 55 -2.81 2.26 10.70
CA TYR A 55 -3.26 1.25 9.76
C TYR A 55 -2.07 0.40 9.32
N SER A 56 -2.37 -0.74 8.71
CA SER A 56 -1.32 -1.60 8.19
C SER A 56 -0.65 -0.93 7.00
N ASP A 57 0.67 -1.06 6.91
CA ASP A 57 1.43 -0.30 5.94
C ASP A 57 2.86 -0.84 5.92
N ALA A 58 3.48 -0.86 4.74
CA ALA A 58 4.88 -1.28 4.67
C ALA A 58 5.80 -0.32 5.43
N ASN A 59 5.41 0.94 5.60
CA ASN A 59 6.24 1.85 6.39
C ASN A 59 6.18 1.57 7.90
N ASN A 60 5.39 0.59 8.34
CA ASN A 60 5.42 0.13 9.73
C ASN A 60 6.43 -0.98 9.97
N GLU A 61 7.17 -1.42 8.95
CA GLU A 61 8.01 -2.60 9.10
C GLU A 61 9.41 -2.22 9.56
N TRP A 62 9.88 -2.89 10.61
CA TRP A 62 11.21 -2.72 11.18
C TRP A 62 11.89 -4.09 11.27
N PHE A 63 13.22 -4.08 11.46
CA PHE A 63 13.90 -5.30 11.88
C PHE A 63 15.03 -4.95 12.84
N PHE A 64 15.38 -5.91 13.70
CA PHE A 64 16.47 -5.70 14.64
C PHE A 64 17.82 -5.93 13.97
N GLN A 65 18.79 -5.09 14.32
CA GLN A 65 20.14 -5.17 13.81
C GLN A 65 21.11 -5.18 15.00
N ARG A 66 22.33 -5.66 14.78
CA ARG A 66 23.31 -5.63 15.86
C ARG A 66 23.68 -4.18 16.20
N ILE A 67 24.11 -3.99 17.44
CA ILE A 67 24.47 -2.65 17.88
C ILE A 67 25.59 -2.07 17.01
N ARG A 68 25.67 -0.74 17.01
CA ARG A 68 26.90 -0.11 16.57
C ARG A 68 28.02 -0.52 17.52
N GLY A 69 29.18 -0.82 16.96
CA GLY A 69 30.33 -1.30 17.72
C GLY A 69 30.77 -2.71 17.37
N VAL A 70 29.89 -3.51 16.74
CA VAL A 70 30.21 -4.82 16.22
C VAL A 70 29.84 -4.86 14.75
N GLU A 71 30.36 -5.84 14.01
CA GLU A 71 30.01 -5.95 12.60
C GLU A 71 28.53 -6.30 12.46
N PRO A 72 27.82 -5.68 11.51
CA PRO A 72 26.37 -5.88 11.44
C PRO A 72 25.99 -7.21 10.82
N TRP A 73 24.74 -7.60 11.09
CA TRP A 73 24.14 -8.75 10.43
C TRP A 73 23.81 -8.42 8.98
N THR A 74 24.01 -9.40 8.09
CA THR A 74 23.63 -9.28 6.69
C THR A 74 22.87 -10.53 6.25
N ASP A 75 22.07 -10.38 5.19
CA ASP A 75 21.26 -11.47 4.67
C ASP A 75 22.11 -12.66 4.24
N ALA A 76 23.33 -12.40 3.75
CA ALA A 76 24.23 -13.48 3.34
C ALA A 76 24.69 -14.35 4.49
N GLU A 77 24.25 -14.06 5.72
N GLU A 77 24.30 -14.06 5.73
CA GLU A 77 24.62 -14.85 6.89
CA GLU A 77 24.67 -14.88 6.88
C GLU A 77 23.62 -15.99 7.04
C GLU A 77 23.64 -15.99 7.03
N ASN A 78 23.82 -17.04 6.23
CA ASN A 78 22.90 -18.17 6.21
C ASN A 78 23.19 -19.21 7.29
N LYS A 79 24.33 -19.10 7.98
CA LYS A 79 24.76 -20.18 8.87
C LYS A 79 24.03 -20.18 10.20
N THR A 80 23.43 -19.06 10.61
CA THR A 80 23.01 -18.90 11.99
C THR A 80 21.72 -18.09 12.08
N ILE A 81 20.83 -18.49 12.97
CA ILE A 81 19.67 -17.70 13.38
C ILE A 81 19.86 -17.34 14.84
N GLU A 82 19.87 -16.04 15.14
N GLU A 82 19.85 -16.03 15.14
CA GLU A 82 20.01 -15.55 16.50
CA GLU A 82 20.00 -15.55 16.50
C GLU A 82 18.72 -14.87 16.95
C GLU A 82 18.71 -14.88 16.94
N PHE A 83 18.32 -15.10 18.19
CA PHE A 83 17.07 -14.56 18.70
C PHE A 83 17.31 -13.33 19.58
N VAL A 84 16.42 -12.36 19.44
CA VAL A 84 16.49 -11.13 20.22
C VAL A 84 16.19 -11.43 21.69
N LYS A 85 17.00 -10.89 22.60
CA LYS A 85 16.91 -11.27 24.00
C LYS A 85 16.68 -10.06 24.89
N GLY A 86 15.75 -10.20 25.83
CA GLY A 86 15.53 -9.14 26.79
C GLY A 86 16.80 -8.79 27.54
N GLY A 87 16.95 -7.50 27.85
CA GLY A 87 18.11 -6.99 28.53
C GLY A 87 19.30 -6.68 27.65
N GLU A 88 19.29 -7.09 26.39
CA GLU A 88 20.39 -6.87 25.46
C GLU A 88 20.11 -5.64 24.59
N MET A 89 21.15 -5.18 23.88
CA MET A 89 21.04 -3.99 23.06
C MET A 89 21.04 -4.35 21.58
N TYR A 90 20.32 -3.53 20.81
CA TYR A 90 20.09 -3.71 19.39
C TYR A 90 19.88 -2.35 18.75
N ARG A 91 20.07 -2.31 17.44
CA ARG A 91 19.53 -1.22 16.63
C ARG A 91 18.19 -1.66 16.05
N LEU A 92 17.35 -0.68 15.74
CA LEU A 92 16.08 -0.93 15.06
C LEU A 92 16.12 -0.22 13.71
N MET A 93 16.01 -1.00 12.63
CA MET A 93 16.18 -0.47 11.29
C MET A 93 14.82 -0.37 10.63
N HIS A 94 14.54 0.78 10.04
CA HIS A 94 13.34 0.91 9.23
C HIS A 94 13.56 0.16 7.91
N ARG A 95 12.67 -0.79 7.60
CA ARG A 95 12.95 -1.70 6.48
C ARG A 95 13.00 -0.96 5.14
N LEU A 96 11.97 -0.18 4.81
CA LEU A 96 11.92 0.45 3.49
C LEU A 96 13.05 1.45 3.25
N THR A 97 13.39 2.26 4.28
CA THR A 97 14.42 3.29 4.09
C THR A 97 15.78 2.88 4.62
N GLY A 98 15.87 1.82 5.41
CA GLY A 98 17.17 1.37 5.87
C GLY A 98 17.75 2.19 7.00
N LYS A 99 17.00 3.15 7.54
CA LYS A 99 17.50 4.07 8.55
C LYS A 99 17.43 3.47 9.95
N ASN A 100 18.32 3.97 10.83
CA ASN A 100 18.31 3.62 12.25
C ASN A 100 17.27 4.43 13.03
N LEU A 101 16.54 3.76 13.91
CA LEU A 101 15.80 4.50 14.93
C LEU A 101 16.79 5.27 15.79
N HIS A 102 16.57 6.58 15.95
CA HIS A 102 17.63 7.50 16.36
C HIS A 102 17.06 8.49 17.36
N THR A 103 17.89 8.92 18.31
CA THR A 103 17.53 10.07 19.14
C THR A 103 18.77 10.90 19.43
N HIS A 104 18.57 12.02 20.12
CA HIS A 104 19.61 13.01 20.33
C HIS A 104 19.01 14.10 21.21
N GLU A 105 19.89 14.98 21.70
CA GLU A 105 19.49 16.07 22.60
C GLU A 105 18.95 17.22 21.74
N VAL A 106 17.77 16.97 21.18
CA VAL A 106 17.03 17.90 20.36
C VAL A 106 15.60 17.89 20.88
N PRO A 107 14.96 19.04 21.07
CA PRO A 107 13.58 19.03 21.57
C PRO A 107 12.66 18.33 20.58
N ALA A 108 11.71 17.57 21.12
CA ALA A 108 10.74 16.89 20.28
C ALA A 108 9.86 17.91 19.57
N PRO A 109 9.18 17.53 18.48
CA PRO A 109 8.42 18.55 17.72
C PRO A 109 7.30 19.22 18.50
N ILE A 110 6.54 18.48 19.29
CA ILE A 110 5.42 19.03 20.05
C ILE A 110 5.70 19.04 21.55
N SER A 111 6.20 17.92 22.07
CA SER A 111 6.52 17.78 23.51
C SER A 111 7.92 18.34 23.75
N LYS A 112 7.99 19.66 23.97
CA LYS A 112 9.27 20.38 23.91
C LYS A 112 10.22 20.03 25.05
N SER A 113 9.74 19.40 26.12
CA SER A 113 10.63 18.99 27.22
C SER A 113 11.18 17.58 27.04
N GLU A 114 10.85 16.91 25.95
CA GLU A 114 11.31 15.57 25.66
C GLU A 114 12.24 15.62 24.44
N TYR A 115 12.82 14.46 24.12
CA TYR A 115 13.76 14.37 23.02
C TYR A 115 13.06 13.95 21.73
N GLU A 116 13.46 14.59 20.63
CA GLU A 116 13.03 14.21 19.30
C GLU A 116 13.59 12.83 18.93
N VAL A 117 12.75 12.03 18.27
CA VAL A 117 13.12 10.73 17.74
C VAL A 117 13.04 10.82 16.23
N SER A 118 14.09 10.37 15.54
CA SER A 118 14.14 10.43 14.10
C SER A 118 14.61 9.09 13.55
N ALA A 119 14.70 9.02 12.23
CA ALA A 119 15.34 7.93 11.52
C ALA A 119 16.54 8.49 10.79
N TYR A 120 17.70 7.86 10.96
CA TYR A 120 18.95 8.50 10.54
C TYR A 120 19.96 7.44 10.14
N GLY A 121 20.77 7.73 9.12
CA GLY A 121 21.91 6.87 8.81
C GLY A 121 21.51 5.59 8.11
N ASP A 122 22.36 4.57 8.24
CA ASP A 122 22.08 3.28 7.61
C ASP A 122 22.85 2.21 8.37
N VAL A 123 22.94 1.02 7.77
CA VAL A 123 23.58 -0.11 8.44
C VAL A 123 25.00 0.26 8.88
N ASP A 124 25.67 1.14 8.14
CA ASP A 124 27.05 1.51 8.38
C ASP A 124 27.25 2.89 9.01
N LEU A 125 26.35 3.84 8.78
CA LEU A 125 26.53 5.22 9.21
C LEU A 125 25.56 5.58 10.32
N GLY A 126 26.08 6.22 11.36
CA GLY A 126 25.25 6.67 12.47
C GLY A 126 26.13 6.92 13.70
N ASP A 127 25.51 6.80 14.87
CA ASP A 127 26.31 6.85 16.10
C ASP A 127 25.68 5.90 17.11
N TYR A 128 26.19 5.95 18.33
CA TYR A 128 25.83 4.98 19.35
C TYR A 128 24.50 5.31 20.01
N LYS A 129 23.92 6.47 19.71
CA LYS A 129 22.54 6.76 20.09
C LYS A 129 21.54 5.92 19.29
N ASP A 130 22.01 5.15 18.30
CA ASP A 130 21.19 4.15 17.62
C ASP A 130 21.06 2.85 18.40
N ASN A 131 21.82 2.66 19.48
CA ASN A 131 21.74 1.44 20.27
C ASN A 131 20.65 1.60 21.33
N TRP A 132 19.68 0.69 21.32
CA TRP A 132 18.60 0.69 22.31
C TRP A 132 18.65 -0.59 23.14
N ILE A 133 18.35 -0.47 24.42
CA ILE A 133 18.20 -1.62 25.30
C ILE A 133 16.76 -2.08 25.25
N ILE A 134 16.57 -3.37 24.97
CA ILE A 134 15.23 -3.96 24.91
C ILE A 134 14.97 -4.57 26.28
N GLU A 135 14.04 -3.99 27.04
CA GLU A 135 13.78 -4.40 28.41
C GLU A 135 12.39 -5.02 28.47
N ILE A 136 12.33 -6.32 28.73
CA ILE A 136 11.06 -7.04 28.79
C ILE A 136 10.42 -6.78 30.15
N VAL A 137 9.14 -6.39 30.12
CA VAL A 137 8.43 -6.00 31.34
C VAL A 137 7.21 -6.85 31.60
N GLU A 138 6.79 -7.69 30.66
CA GLU A 138 5.66 -8.57 30.89
C GLU A 138 5.69 -9.69 29.86
N GLN A 139 5.54 -10.93 30.32
CA GLN A 139 5.41 -12.11 29.46
C GLN A 139 4.10 -12.79 29.78
N VAL A 140 3.17 -12.81 28.83
CA VAL A 140 1.94 -13.57 28.96
C VAL A 140 2.19 -14.98 28.44
N GLY A 141 1.89 -15.97 29.26
CA GLY A 141 2.14 -17.35 28.90
C GLY A 141 3.49 -17.83 29.39
N GLU A 142 3.76 -19.11 29.12
CA GLU A 142 4.91 -19.79 29.69
C GLU A 142 6.04 -20.00 28.67
N GLU A 143 6.00 -19.27 27.55
CA GLU A 143 7.08 -19.35 26.59
C GLU A 143 8.37 -18.78 27.20
N ASP A 144 9.47 -18.94 26.46
CA ASP A 144 10.77 -18.50 26.95
C ASP A 144 10.70 -17.05 27.40
N PRO A 145 10.84 -16.78 28.70
CA PRO A 145 10.69 -15.41 29.19
C PRO A 145 11.75 -14.46 28.67
N THR A 146 12.87 -14.95 28.15
CA THR A 146 13.94 -14.09 27.69
C THR A 146 13.75 -13.59 26.26
N LEU A 147 12.80 -14.13 25.51
CA LEU A 147 12.67 -13.82 24.09
C LEU A 147 11.43 -12.96 23.84
N LEU A 148 11.36 -12.36 22.66
CA LEU A 148 10.22 -11.54 22.25
C LEU A 148 9.24 -12.40 21.45
N HIS A 149 8.00 -12.45 21.92
CA HIS A 149 6.97 -13.17 21.24
C HIS A 149 5.90 -12.20 20.75
N PRO A 150 5.37 -12.40 19.55
CA PRO A 150 4.31 -11.50 19.06
C PRO A 150 3.15 -11.48 20.04
N LEU A 151 2.64 -10.25 20.29
CA LEU A 151 1.45 -9.99 21.09
C LEU A 151 1.70 -10.17 22.59
N SER A 152 2.19 -11.35 22.99
CA SER A 152 2.23 -11.68 24.41
C SER A 152 3.35 -10.98 25.18
N THR A 153 4.40 -10.53 24.51
CA THR A 153 5.50 -9.84 25.19
C THR A 153 5.27 -8.33 25.18
N SER A 154 5.37 -7.69 26.35
CA SER A 154 5.47 -6.25 26.46
C SER A 154 6.91 -5.88 26.80
N PHE A 155 7.45 -4.87 26.13
CA PHE A 155 8.83 -4.49 26.34
C PHE A 155 8.99 -2.97 26.18
N ARG A 156 10.07 -2.48 26.77
CA ARG A 156 10.43 -1.08 26.73
C ARG A 156 11.72 -0.91 25.92
N ILE A 157 11.88 0.29 25.38
CA ILE A 157 12.94 0.60 24.44
C ILE A 157 13.72 1.78 25.00
N LYS A 158 14.88 1.52 25.61
CA LYS A 158 15.63 2.52 26.34
C LYS A 158 16.89 2.90 25.58
N ASN A 159 17.10 4.18 25.37
CA ASN A 159 18.30 4.61 24.65
C ASN A 159 19.55 4.36 25.48
N SER A 160 20.56 3.77 24.87
CA SER A 160 21.75 3.37 25.63
C SER A 160 22.57 4.57 26.08
N ILE A 161 22.56 5.66 25.31
CA ILE A 161 23.39 6.82 25.63
C ILE A 161 22.63 7.80 26.51
N LEU A 162 21.40 8.14 26.13
CA LEU A 162 20.65 9.16 26.84
C LEU A 162 19.81 8.60 27.98
N GLY A 163 19.53 7.30 27.97
CA GLY A 163 18.77 6.70 29.06
C GLY A 163 17.29 7.00 29.07
N CYS A 164 16.76 7.56 27.99
CA CYS A 164 15.34 7.87 27.88
C CYS A 164 14.59 6.72 27.20
N TYR A 165 13.27 6.70 27.35
CA TYR A 165 12.45 5.61 26.83
C TYR A 165 11.61 6.06 25.63
N LEU A 166 11.66 5.27 24.56
CA LEU A 166 10.78 5.51 23.41
C LEU A 166 9.32 5.48 23.85
N ALA A 167 8.54 6.46 23.36
CA ALA A 167 7.17 6.58 23.83
C ALA A 167 6.28 7.22 22.77
N GLN A 168 5.03 6.78 22.73
CA GLN A 168 4.00 7.52 22.02
C GLN A 168 3.51 8.61 22.95
N SER A 169 3.83 9.87 22.61
CA SER A 169 3.63 10.96 23.56
C SER A 169 2.16 11.17 23.89
N GLY A 170 1.28 10.96 22.91
CA GLY A 170 -0.11 11.33 23.02
C GLY A 170 -0.48 12.56 22.22
N LYS A 171 0.51 13.33 21.76
CA LYS A 171 0.31 14.48 20.91
C LYS A 171 0.27 14.06 19.46
N HIS A 172 -0.42 14.85 18.64
CA HIS A 172 -0.49 14.61 17.22
C HIS A 172 0.38 15.64 16.49
N LEU A 173 1.03 15.20 15.42
CA LEU A 173 1.84 16.08 14.61
C LEU A 173 0.94 16.98 13.75
N PRO A 174 1.46 18.11 13.28
CA PRO A 174 0.68 18.94 12.35
C PRO A 174 0.54 18.28 10.98
N GLU A 175 0.00 19.04 10.02
CA GLU A 175 -0.23 18.47 8.69
C GLU A 175 1.07 18.02 8.03
N TRP A 176 2.21 18.61 8.40
CA TRP A 176 3.47 18.19 7.78
C TRP A 176 3.89 16.78 8.21
N GLY A 177 3.33 16.26 9.30
CA GLY A 177 3.54 14.88 9.69
C GLY A 177 2.30 14.05 9.41
N PHE A 178 1.45 14.53 8.48
CA PHE A 178 0.18 13.87 8.13
C PHE A 178 -0.69 13.64 9.36
N ARG A 179 -0.51 14.46 10.39
CA ARG A 179 -1.27 14.35 11.64
C ARG A 179 -1.15 12.98 12.26
N GLN A 180 -0.04 12.29 12.03
CA GLN A 180 0.24 11.07 12.75
C GLN A 180 0.71 11.41 14.17
N GLY A 181 0.87 10.37 14.99
CA GLY A 181 1.18 10.57 16.39
C GLY A 181 2.66 10.87 16.64
N GLU A 182 2.91 11.82 17.54
CA GLU A 182 4.28 12.16 17.89
C GLU A 182 4.95 11.02 18.64
N VAL A 183 6.20 10.76 18.30
CA VAL A 183 7.04 9.80 19.03
C VAL A 183 8.19 10.57 19.66
N VAL A 184 8.46 10.30 20.94
CA VAL A 184 9.48 11.00 21.69
C VAL A 184 10.32 9.99 22.47
N CYS A 185 11.43 10.46 23.00
CA CYS A 185 12.22 9.72 23.97
C CYS A 185 11.98 10.39 25.32
N LEU A 186 11.21 9.73 26.18
CA LEU A 186 10.78 10.33 27.44
C LEU A 186 11.91 10.36 28.45
N LYS A 187 12.15 11.54 29.03
CA LYS A 187 13.01 11.66 30.20
C LYS A 187 12.20 11.35 31.45
N HIS A 188 12.83 10.66 32.41
CA HIS A 188 12.21 10.40 33.72
C HIS A 188 10.89 9.68 33.58
N ALA A 189 10.81 8.73 32.67
CA ALA A 189 9.59 7.94 32.53
C ALA A 189 9.43 7.03 33.75
N SER A 190 8.17 6.82 34.13
CA SER A 190 7.85 5.81 35.12
C SER A 190 7.84 4.43 34.46
N LYS A 191 8.07 3.40 35.27
CA LYS A 191 8.04 2.03 34.74
C LYS A 191 6.65 1.66 34.25
N ARG A 192 5.60 2.12 34.94
CA ARG A 192 4.23 1.75 34.64
C ARG A 192 3.55 2.72 33.66
N ASP A 193 4.28 3.67 33.10
CA ASP A 193 3.77 4.55 32.05
C ASP A 193 3.64 3.75 30.75
N LYS A 194 2.40 3.38 30.40
CA LYS A 194 2.20 2.49 29.26
C LYS A 194 2.53 3.14 27.93
N ARG A 195 2.71 4.46 27.87
CA ARG A 195 3.18 5.09 26.64
C ARG A 195 4.59 4.62 26.28
N THR A 196 5.33 4.06 27.24
CA THR A 196 6.64 3.50 26.99
C THR A 196 6.60 1.98 26.85
N TRP A 197 5.42 1.36 26.84
CA TRP A 197 5.28 -0.08 26.64
C TRP A 197 4.92 -0.39 25.19
N TRP A 198 5.55 -1.43 24.64
CA TRP A 198 5.39 -1.81 23.25
C TRP A 198 5.24 -3.32 23.14
N ASN A 199 4.66 -3.78 22.04
CA ASN A 199 4.70 -5.21 21.72
C ASN A 199 4.91 -5.40 20.23
N ILE A 200 5.39 -6.58 19.88
CA ILE A 200 5.41 -7.04 18.50
C ILE A 200 3.97 -7.28 18.06
N GLU A 201 3.55 -6.58 16.99
CA GLU A 201 2.20 -6.76 16.47
C GLU A 201 2.16 -7.80 15.34
N THR A 202 2.91 -7.56 14.27
CA THR A 202 3.06 -8.55 13.20
C THR A 202 4.49 -9.06 13.19
N HIS A 203 4.66 -10.26 12.65
CA HIS A 203 5.97 -10.90 12.63
C HIS A 203 6.04 -11.80 11.40
N GLU A 204 7.02 -11.55 10.55
CA GLU A 204 7.21 -12.31 9.32
C GLU A 204 8.66 -12.80 9.28
N ASN A 205 8.85 -14.10 9.09
CA ASN A 205 10.19 -14.66 8.97
C ASN A 205 10.07 -16.04 8.33
N GLU A 206 10.50 -16.14 7.08
CA GLU A 206 10.40 -17.40 6.33
C GLU A 206 11.24 -18.52 6.94
N ARG A 207 12.25 -18.18 7.72
CA ARG A 207 13.17 -19.18 8.23
C ARG A 207 12.64 -19.89 9.47
N LEU A 208 11.50 -19.44 10.03
CA LEU A 208 11.07 -19.93 11.34
C LEU A 208 9.76 -20.71 11.24
N PRO A 209 9.53 -21.66 12.15
CA PRO A 209 8.25 -22.35 12.19
C PRO A 209 7.12 -21.35 12.40
N GLN A 210 6.06 -21.51 11.62
CA GLN A 210 4.94 -20.59 11.73
C GLN A 210 4.19 -20.82 13.04
N GLY A 211 3.79 -19.74 13.68
CA GLY A 211 3.15 -19.86 14.98
C GLY A 211 1.64 -19.81 14.89
N GLU A 212 1.00 -20.98 14.84
CA GLU A 212 -0.46 -21.05 14.80
C GLU A 212 -1.07 -20.87 16.19
N GLY B 11 -1.21 13.93 -16.38
CA GLY B 11 -0.50 14.71 -15.37
C GLY B 11 -0.19 16.13 -15.83
N PRO B 12 0.32 16.95 -14.93
CA PRO B 12 0.56 18.36 -15.27
C PRO B 12 1.62 18.53 -16.36
N ARG B 13 1.58 19.71 -16.98
CA ARG B 13 2.34 19.97 -18.20
C ARG B 13 3.86 19.99 -17.99
N ASP B 14 4.35 20.47 -16.85
CA ASP B 14 5.77 20.74 -16.62
C ASP B 14 6.23 20.13 -15.31
N VAL B 15 7.38 19.47 -15.31
CA VAL B 15 7.85 18.77 -14.12
C VAL B 15 8.55 19.75 -13.19
N ALA B 16 8.14 19.78 -11.94
CA ALA B 16 8.73 20.66 -10.93
C ALA B 16 9.73 19.91 -10.05
N LEU B 17 10.81 20.61 -9.71
CA LEU B 17 11.74 20.15 -8.69
C LEU B 17 11.00 19.83 -7.38
N GLY B 18 11.29 18.66 -6.82
CA GLY B 18 10.78 18.35 -5.49
C GLY B 18 9.34 17.87 -5.43
N SER B 19 8.40 18.67 -5.93
CA SER B 19 7.00 18.33 -5.73
C SER B 19 6.44 17.39 -6.78
N SER B 20 7.08 17.27 -7.94
CA SER B 20 6.57 16.42 -9.01
C SER B 20 7.04 14.98 -8.79
N ILE B 21 6.09 14.05 -8.67
CA ILE B 21 6.37 12.62 -8.58
C ILE B 21 6.25 12.05 -9.98
N ILE B 22 7.30 11.37 -10.46
CA ILE B 22 7.37 10.94 -11.85
C ILE B 22 7.80 9.48 -11.93
N SER B 23 7.44 8.85 -13.05
CA SER B 23 8.10 7.64 -13.49
C SER B 23 8.79 7.92 -14.82
N ILE B 24 9.84 7.13 -15.11
CA ILE B 24 10.81 7.45 -16.14
C ILE B 24 11.04 6.20 -16.96
N LYS B 25 10.67 6.24 -18.24
CA LYS B 25 10.63 5.05 -19.08
C LYS B 25 11.69 5.15 -20.17
N ASN B 26 12.41 4.05 -20.38
CA ASN B 26 13.43 4.01 -21.40
C ASN B 26 12.79 3.97 -22.78
N GLN B 27 13.45 4.59 -23.75
CA GLN B 27 12.84 4.77 -25.05
C GLN B 27 13.27 3.72 -26.07
N ALA B 28 14.27 2.88 -25.77
CA ALA B 28 14.62 1.82 -26.70
C ALA B 28 13.49 0.79 -26.78
N LEU B 29 13.56 -0.06 -27.80
CA LEU B 29 12.64 -1.19 -27.88
C LEU B 29 12.74 -2.04 -26.63
N GLY B 30 11.60 -2.46 -26.10
CA GLY B 30 11.59 -3.12 -24.81
C GLY B 30 11.91 -2.21 -23.64
N GLY B 31 11.88 -0.90 -23.86
CA GLY B 31 12.21 0.02 -22.77
C GLY B 31 11.27 -0.15 -21.60
N ALA B 32 11.83 0.04 -20.40
CA ALA B 32 11.11 -0.19 -19.16
C ALA B 32 11.30 0.98 -18.20
N LEU B 33 10.70 0.87 -17.02
CA LEU B 33 10.61 1.96 -16.07
C LEU B 33 11.76 1.90 -15.06
N LEU B 34 12.47 3.02 -14.92
CA LEU B 34 13.53 3.13 -13.93
C LEU B 34 12.96 2.82 -12.53
N HIS B 35 13.70 2.00 -11.79
CA HIS B 35 13.12 1.22 -10.70
C HIS B 35 14.16 0.99 -9.61
N SER B 36 13.70 0.96 -8.37
CA SER B 36 14.57 0.53 -7.27
C SER B 36 13.70 -0.19 -6.24
N HIS B 37 14.37 -0.88 -5.33
CA HIS B 37 13.72 -1.65 -4.29
C HIS B 37 14.78 -1.94 -3.24
N VAL B 38 14.38 -2.57 -2.14
CA VAL B 38 15.28 -2.64 -1.00
C VAL B 38 16.43 -3.65 -1.18
N GLN B 39 16.30 -4.59 -2.12
CA GLN B 39 17.30 -5.64 -2.26
C GLN B 39 18.62 -5.08 -2.77
N PRO B 40 19.76 -5.50 -2.20
CA PRO B 40 21.06 -5.02 -2.67
C PRO B 40 21.66 -5.89 -3.76
N PHE B 41 22.66 -5.34 -4.45
CA PHE B 41 23.46 -6.16 -5.34
C PHE B 41 24.27 -7.15 -4.51
N PRO B 42 24.42 -8.40 -4.96
CA PRO B 42 25.25 -9.35 -4.19
C PRO B 42 26.73 -9.01 -4.26
N GLU B 43 27.21 -8.53 -5.40
CA GLU B 43 28.61 -8.15 -5.53
C GLU B 43 28.70 -6.70 -5.99
N GLY B 44 29.73 -6.36 -6.77
CA GLY B 44 29.93 -4.98 -7.14
C GLY B 44 30.03 -4.12 -5.89
N SER B 45 29.32 -3.01 -5.87
CA SER B 45 29.30 -2.14 -4.70
C SER B 45 28.51 -2.73 -3.54
N GLU B 46 27.66 -3.72 -3.80
CA GLU B 46 26.74 -4.33 -2.82
C GLU B 46 25.73 -3.32 -2.30
N GLN B 47 25.55 -2.22 -3.01
CA GLN B 47 24.59 -1.20 -2.66
C GLN B 47 23.20 -1.59 -3.17
N GLN B 48 22.22 -0.73 -2.87
CA GLN B 48 20.85 -1.02 -3.27
C GLN B 48 20.71 -1.04 -4.78
N GLN B 49 19.96 -2.02 -5.28
CA GLN B 49 19.80 -2.22 -6.73
C GLN B 49 18.97 -1.12 -7.38
N VAL B 50 19.40 -0.73 -8.59
CA VAL B 50 18.58 0.03 -9.53
C VAL B 50 18.42 -0.84 -10.77
N THR B 51 17.17 -0.97 -11.23
CA THR B 51 16.83 -1.82 -12.36
C THR B 51 15.89 -1.05 -13.28
N VAL B 52 15.38 -1.71 -14.31
CA VAL B 52 14.15 -1.26 -14.99
C VAL B 52 13.12 -2.36 -14.83
N TYR B 53 11.87 -1.96 -14.68
CA TYR B 53 10.75 -2.83 -14.36
C TYR B 53 9.66 -2.68 -15.41
N GLY B 54 9.07 -3.79 -15.82
CA GLY B 54 8.14 -3.78 -16.93
C GLY B 54 6.67 -3.63 -16.55
N TYR B 55 6.40 -3.22 -15.31
CA TYR B 55 5.04 -3.14 -14.80
C TYR B 55 4.91 -1.90 -13.92
N SER B 56 3.66 -1.53 -13.64
CA SER B 56 3.39 -0.30 -12.91
C SER B 56 3.41 -0.57 -11.41
N ASP B 57 4.19 0.21 -10.67
CA ASP B 57 4.44 -0.07 -9.27
C ASP B 57 4.92 1.20 -8.60
N ALA B 58 4.61 1.34 -7.31
CA ALA B 58 5.07 2.51 -6.57
C ALA B 58 6.58 2.58 -6.48
N ASN B 59 7.28 1.46 -6.68
CA ASN B 59 8.74 1.48 -6.71
C ASN B 59 9.28 2.12 -7.97
N ASN B 60 8.43 2.49 -8.92
CA ASN B 60 8.84 3.26 -10.09
C ASN B 60 8.86 4.77 -9.86
N GLU B 61 8.50 5.24 -8.68
CA GLU B 61 8.29 6.68 -8.47
C GLU B 61 9.58 7.33 -8.01
N TRP B 62 9.94 8.43 -8.68
CA TRP B 62 11.11 9.24 -8.33
C TRP B 62 10.67 10.70 -8.27
N PHE B 63 11.60 11.55 -7.84
CA PHE B 63 11.43 12.99 -7.92
C PHE B 63 12.80 13.66 -7.99
N PHE B 64 12.84 14.81 -8.66
CA PHE B 64 14.07 15.57 -8.77
C PHE B 64 14.31 16.37 -7.50
N GLN B 65 15.58 16.57 -7.18
CA GLN B 65 16.01 17.27 -5.97
C GLN B 65 17.17 18.15 -6.37
N ARG B 66 17.48 19.14 -5.53
CA ARG B 66 18.60 20.00 -5.79
C ARG B 66 19.91 19.22 -5.67
N ILE B 67 20.97 19.79 -6.26
CA ILE B 67 22.25 19.09 -6.28
C ILE B 67 22.77 18.90 -4.86
N ARG B 68 23.64 17.90 -4.72
CA ARG B 68 24.36 17.76 -3.47
C ARG B 68 25.29 18.94 -3.29
N GLY B 69 25.28 19.51 -2.08
CA GLY B 69 26.05 20.70 -1.77
C GLY B 69 25.21 21.88 -1.32
N VAL B 70 23.91 21.88 -1.62
CA VAL B 70 23.01 22.95 -1.20
C VAL B 70 21.87 22.34 -0.39
N GLU B 71 21.14 23.21 0.31
CA GLU B 71 20.02 22.76 1.12
C GLU B 71 18.95 22.17 0.22
N PRO B 72 18.44 20.98 0.52
CA PRO B 72 17.47 20.34 -0.36
C PRO B 72 16.10 21.01 -0.30
N TRP B 73 15.34 20.81 -1.37
CA TRP B 73 13.95 21.24 -1.38
C TRP B 73 13.16 20.46 -0.32
N THR B 74 12.19 21.15 0.29
CA THR B 74 11.29 20.50 1.23
C THR B 74 9.87 20.99 1.00
N ASP B 75 8.90 20.12 1.31
CA ASP B 75 7.50 20.44 1.06
C ASP B 75 7.04 21.67 1.84
N ALA B 76 7.66 21.96 2.98
CA ALA B 76 7.35 23.16 3.75
C ALA B 76 7.99 24.39 3.10
N GLU B 77 8.04 24.42 1.76
CA GLU B 77 8.55 25.56 1.00
CA GLU B 77 8.54 25.56 1.01
C GLU B 77 7.37 26.14 0.23
N ASN B 78 6.85 27.28 0.72
CA ASN B 78 5.69 27.94 0.15
C ASN B 78 6.02 28.83 -1.02
N LYS B 79 7.17 29.49 -0.98
CA LYS B 79 7.35 30.71 -1.77
C LYS B 79 7.57 30.44 -3.25
N THR B 80 7.95 29.22 -3.64
CA THR B 80 8.50 29.08 -4.98
C THR B 80 8.24 27.70 -5.57
N ILE B 81 7.85 27.68 -6.84
CA ILE B 81 7.83 26.45 -7.63
C ILE B 81 8.92 26.57 -8.68
N GLU B 82 9.83 25.60 -8.70
CA GLU B 82 10.92 25.58 -9.65
C GLU B 82 10.73 24.39 -10.59
N PHE B 83 10.99 24.60 -11.87
CA PHE B 83 10.80 23.55 -12.88
C PHE B 83 12.14 23.01 -13.34
N VAL B 84 12.18 21.71 -13.61
CA VAL B 84 13.41 21.08 -14.08
C VAL B 84 13.69 21.55 -15.50
N LYS B 85 14.93 21.97 -15.75
CA LYS B 85 15.28 22.65 -17.00
C LYS B 85 16.46 21.94 -17.67
N GLY B 86 16.38 21.83 -18.99
CA GLY B 86 17.42 21.14 -19.73
C GLY B 86 18.76 21.83 -19.56
N GLY B 87 19.81 21.02 -19.40
CA GLY B 87 21.16 21.51 -19.19
C GLY B 87 21.54 21.75 -17.74
N GLU B 88 20.58 21.81 -16.84
CA GLU B 88 20.86 22.01 -15.42
C GLU B 88 21.07 20.67 -14.73
N MET B 89 21.61 20.73 -13.51
CA MET B 89 22.05 19.56 -12.77
C MET B 89 21.13 19.30 -11.57
N TYR B 90 20.86 18.02 -11.30
CA TYR B 90 19.90 17.62 -10.28
C TYR B 90 20.35 16.32 -9.64
N ARG B 91 19.69 15.98 -8.53
CA ARG B 91 19.63 14.62 -8.02
C ARG B 91 18.29 14.01 -8.34
N LEU B 92 18.24 12.68 -8.32
CA LEU B 92 17.00 11.93 -8.56
C LEU B 92 16.78 11.02 -7.36
N MET B 93 15.71 11.25 -6.62
CA MET B 93 15.44 10.53 -5.38
C MET B 93 14.39 9.47 -5.63
N HIS B 94 14.64 8.26 -5.09
CA HIS B 94 13.67 7.18 -5.10
C HIS B 94 12.66 7.44 -3.99
N ARG B 95 11.37 7.55 -4.38
CA ARG B 95 10.38 8.08 -3.45
C ARG B 95 10.17 7.17 -2.25
N LEU B 96 10.07 5.85 -2.47
CA LEU B 96 9.76 4.95 -1.37
C LEU B 96 10.99 4.61 -0.52
N THR B 97 12.19 4.60 -1.09
CA THR B 97 13.34 4.25 -0.24
C THR B 97 14.16 5.47 0.19
N GLY B 98 13.99 6.62 -0.46
CA GLY B 98 14.69 7.82 -0.04
C GLY B 98 16.15 7.92 -0.46
N LYS B 99 16.60 7.09 -1.40
CA LYS B 99 18.00 7.07 -1.83
C LYS B 99 18.19 7.84 -3.14
N ASN B 100 19.45 8.21 -3.42
CA ASN B 100 19.85 8.92 -4.63
C ASN B 100 20.20 7.95 -5.76
N LEU B 101 19.85 8.32 -6.99
CA LEU B 101 20.40 7.62 -8.15
C LEU B 101 21.90 7.88 -8.23
N HIS B 102 22.68 6.80 -8.29
CA HIS B 102 24.11 6.85 -7.99
C HIS B 102 24.88 6.00 -8.99
N THR B 103 26.06 6.49 -9.38
CA THR B 103 27.00 5.65 -10.12
C THR B 103 28.42 5.95 -9.64
N HIS B 104 29.36 5.16 -10.13
CA HIS B 104 30.74 5.16 -9.63
C HIS B 104 31.56 4.22 -10.49
N GLU B 105 32.88 4.25 -10.29
CA GLU B 105 33.81 3.47 -11.10
C GLU B 105 33.87 2.04 -10.56
N VAL B 106 32.74 1.35 -10.76
CA VAL B 106 32.53 -0.05 -10.38
C VAL B 106 31.92 -0.74 -11.59
N PRO B 107 32.41 -1.90 -12.01
CA PRO B 107 31.85 -2.57 -13.19
C PRO B 107 30.39 -2.95 -12.95
N ALA B 108 29.59 -2.78 -14.00
CA ALA B 108 28.18 -3.15 -13.94
C ALA B 108 28.03 -4.65 -13.72
N PRO B 109 26.92 -5.09 -13.11
CA PRO B 109 26.79 -6.52 -12.77
C PRO B 109 26.85 -7.46 -13.97
N ILE B 110 26.31 -7.07 -15.12
CA ILE B 110 26.38 -7.89 -16.34
C ILE B 110 27.32 -7.27 -17.37
N SER B 111 27.07 -6.03 -17.77
CA SER B 111 27.87 -5.35 -18.78
C SER B 111 29.16 -4.88 -18.11
N LYS B 112 30.13 -5.81 -18.03
CA LYS B 112 31.31 -5.56 -17.22
C LYS B 112 32.15 -4.39 -17.75
N SER B 113 31.98 -4.02 -19.01
CA SER B 113 32.71 -2.87 -19.56
C SER B 113 32.06 -1.53 -19.23
N GLU B 114 30.92 -1.49 -18.57
CA GLU B 114 30.26 -0.23 -18.23
C GLU B 114 30.17 -0.07 -16.73
N TYR B 115 29.61 1.05 -16.27
CA TYR B 115 29.57 1.37 -14.85
C TYR B 115 28.28 0.91 -14.20
N GLU B 116 28.42 0.37 -13.00
CA GLU B 116 27.27 -0.02 -12.18
C GLU B 116 26.48 1.21 -11.75
N VAL B 117 25.16 1.05 -11.67
CA VAL B 117 24.26 2.09 -11.19
C VAL B 117 23.50 1.54 -9.99
N SER B 118 23.50 2.27 -8.89
CA SER B 118 22.89 1.84 -7.64
C SER B 118 22.02 2.96 -7.08
N ALA B 119 21.39 2.68 -5.94
CA ALA B 119 20.71 3.69 -5.13
C ALA B 119 21.47 3.83 -3.82
N TYR B 120 21.83 5.05 -3.46
CA TYR B 120 22.82 5.26 -2.41
C TYR B 120 22.50 6.52 -1.63
N GLY B 121 22.83 6.50 -0.34
CA GLY B 121 22.69 7.68 0.52
C GLY B 121 21.22 8.09 0.71
N ASP B 122 21.03 9.36 1.03
CA ASP B 122 19.68 9.89 1.18
C ASP B 122 19.72 11.38 0.88
N VAL B 123 18.65 12.09 1.26
CA VAL B 123 18.56 13.52 0.98
C VAL B 123 19.77 14.25 1.56
N ASP B 124 20.27 13.79 2.71
CA ASP B 124 21.35 14.49 3.41
C ASP B 124 22.73 13.88 3.24
N LEU B 125 22.84 12.57 2.96
CA LEU B 125 24.12 11.90 2.90
C LEU B 125 24.39 11.38 1.48
N GLY B 126 25.67 11.39 1.09
CA GLY B 126 26.05 10.99 -0.25
C GLY B 126 27.18 11.86 -0.75
N ASP B 127 27.54 11.68 -2.02
CA ASP B 127 28.67 12.42 -2.61
C ASP B 127 28.23 13.02 -3.94
N TYR B 128 29.18 13.70 -4.59
CA TYR B 128 28.90 14.40 -5.85
C TYR B 128 28.56 13.47 -7.00
N LYS B 129 28.81 12.16 -6.87
CA LYS B 129 28.41 11.22 -7.91
C LYS B 129 26.90 11.14 -8.05
N ASP B 130 26.15 11.73 -7.13
CA ASP B 130 24.69 11.77 -7.17
C ASP B 130 24.15 12.88 -8.06
N ASN B 131 25.00 13.76 -8.58
CA ASN B 131 24.56 14.85 -9.44
C ASN B 131 24.51 14.38 -10.88
N TRP B 132 23.40 14.67 -11.56
CA TRP B 132 23.18 14.28 -12.94
C TRP B 132 22.76 15.50 -13.74
N ILE B 133 23.27 15.59 -14.96
CA ILE B 133 22.89 16.65 -15.90
C ILE B 133 21.75 16.12 -16.78
N ILE B 134 20.69 16.91 -16.89
CA ILE B 134 19.52 16.54 -17.68
C ILE B 134 19.66 17.19 -19.05
N GLU B 135 19.83 16.38 -20.08
CA GLU B 135 20.05 16.86 -21.45
C GLU B 135 18.85 16.47 -22.31
N ILE B 136 18.12 17.48 -22.79
CA ILE B 136 16.93 17.24 -23.60
C ILE B 136 17.33 16.96 -25.04
N VAL B 137 16.85 15.85 -25.60
CA VAL B 137 17.23 15.49 -26.96
C VAL B 137 16.05 15.46 -27.93
N GLU B 138 14.81 15.51 -27.46
CA GLU B 138 13.67 15.58 -28.38
C GLU B 138 12.48 16.17 -27.65
N GLN B 139 11.77 17.06 -28.35
CA GLN B 139 10.51 17.62 -27.88
C GLN B 139 9.50 17.48 -29.00
N VAL B 140 8.42 16.72 -28.76
CA VAL B 140 7.42 16.45 -29.78
C VAL B 140 6.22 17.38 -29.60
N GLY B 141 6.05 17.92 -28.41
CA GLY B 141 4.93 18.80 -28.10
C GLY B 141 5.23 20.26 -28.43
N GLU B 142 4.22 21.10 -28.23
CA GLU B 142 4.38 22.53 -28.50
C GLU B 142 4.58 23.33 -27.23
N GLU B 143 4.92 22.66 -26.13
CA GLU B 143 5.16 23.33 -24.86
C GLU B 143 6.59 23.90 -24.83
N ASP B 144 6.97 24.49 -23.71
CA ASP B 144 8.30 25.08 -23.53
C ASP B 144 9.38 24.04 -23.84
N PRO B 145 10.19 24.23 -24.89
CA PRO B 145 11.18 23.21 -25.26
C PRO B 145 12.33 23.04 -24.27
N THR B 146 12.46 23.92 -23.28
CA THR B 146 13.52 23.78 -22.28
C THR B 146 13.08 23.04 -21.02
N LEU B 147 11.79 22.74 -20.87
CA LEU B 147 11.27 22.04 -19.70
C LEU B 147 10.93 20.59 -20.05
N LEU B 148 10.55 19.82 -19.02
CA LEU B 148 10.19 18.42 -19.20
C LEU B 148 8.68 18.25 -19.11
N HIS B 149 8.11 17.55 -20.09
CA HIS B 149 6.69 17.33 -20.19
C HIS B 149 6.40 15.83 -20.29
N PRO B 150 5.28 15.38 -19.74
CA PRO B 150 4.92 13.96 -19.85
C PRO B 150 4.88 13.49 -21.31
N LEU B 151 5.48 12.32 -21.52
CA LEU B 151 5.46 11.57 -22.78
C LEU B 151 6.22 12.24 -23.92
N SER B 152 6.05 13.56 -24.12
CA SER B 152 6.53 14.17 -25.35
C SER B 152 8.00 14.58 -25.30
N THR B 153 8.61 14.65 -24.11
CA THR B 153 10.02 15.03 -23.95
C THR B 153 10.88 13.79 -23.86
N SER B 154 11.94 13.74 -24.67
CA SER B 154 12.99 12.73 -24.49
C SER B 154 14.22 13.42 -23.96
N PHE B 155 14.85 12.82 -22.95
CA PHE B 155 16.01 13.43 -22.32
C PHE B 155 17.00 12.35 -21.92
N ARG B 156 18.25 12.77 -21.75
CA ARG B 156 19.37 11.92 -21.37
C ARG B 156 19.87 12.35 -19.99
N ILE B 157 20.45 11.39 -19.26
CA ILE B 157 20.78 11.56 -17.85
C ILE B 157 22.28 11.29 -17.73
N LYS B 158 23.06 12.36 -17.64
CA LYS B 158 24.51 12.26 -17.71
C LYS B 158 25.11 12.55 -16.34
N ASN B 159 25.98 11.65 -15.88
CA ASN B 159 26.63 11.86 -14.59
C ASN B 159 27.61 13.02 -14.71
N SER B 160 27.56 13.95 -13.75
CA SER B 160 28.41 15.13 -13.85
C SER B 160 29.87 14.79 -13.58
N ILE B 161 30.13 13.79 -12.75
CA ILE B 161 31.51 13.45 -12.41
C ILE B 161 32.14 12.58 -13.49
N LEU B 162 31.47 11.50 -13.88
CA LEU B 162 32.06 10.53 -14.80
C LEU B 162 31.76 10.80 -16.26
N GLY B 163 30.71 11.55 -16.57
CA GLY B 163 30.38 11.86 -17.95
C GLY B 163 29.64 10.77 -18.70
N CYS B 164 29.30 9.67 -18.04
CA CYS B 164 28.62 8.54 -18.64
C CYS B 164 27.11 8.76 -18.66
N TYR B 165 26.43 8.06 -19.56
CA TYR B 165 24.99 8.22 -19.74
C TYR B 165 24.22 7.04 -19.15
N LEU B 166 23.21 7.36 -18.34
CA LEU B 166 22.34 6.33 -17.77
C LEU B 166 21.65 5.59 -18.90
N ALA B 167 21.65 4.26 -18.84
CA ALA B 167 21.11 3.47 -19.94
C ALA B 167 20.46 2.20 -19.44
N GLN B 168 19.42 1.77 -20.17
CA GLN B 168 18.93 0.40 -20.07
C GLN B 168 19.76 -0.46 -21.02
N SER B 169 20.65 -1.28 -20.46
CA SER B 169 21.68 -1.92 -21.27
C SER B 169 21.10 -2.94 -22.26
N GLY B 170 19.97 -3.55 -21.94
CA GLY B 170 19.41 -4.63 -22.70
C GLY B 170 19.57 -5.98 -22.05
N LYS B 171 20.51 -6.11 -21.10
CA LYS B 171 20.75 -7.36 -20.39
C LYS B 171 19.78 -7.50 -19.23
N HIS B 172 19.53 -8.74 -18.83
CA HIS B 172 18.67 -9.03 -17.70
C HIS B 172 19.52 -9.45 -16.51
N LEU B 173 19.11 -9.02 -15.33
CA LEU B 173 19.75 -9.45 -14.10
C LEU B 173 19.37 -10.89 -13.77
N PRO B 174 20.18 -11.58 -12.97
CA PRO B 174 19.81 -12.92 -12.48
C PRO B 174 18.64 -12.91 -11.50
N GLU B 175 18.37 -14.05 -10.88
CA GLU B 175 17.25 -14.16 -9.98
C GLU B 175 17.39 -13.23 -8.77
N TRP B 176 18.62 -12.94 -8.35
CA TRP B 176 18.78 -12.00 -7.25
C TRP B 176 18.36 -10.58 -7.62
N GLY B 177 18.14 -10.29 -8.89
CA GLY B 177 17.58 -9.02 -9.28
C GLY B 177 16.17 -9.17 -9.83
N PHE B 178 15.51 -10.26 -9.44
CA PHE B 178 14.15 -10.58 -9.88
C PHE B 178 14.04 -10.65 -11.40
N ARG B 179 15.15 -11.01 -12.05
CA ARG B 179 15.24 -11.06 -13.52
C ARG B 179 14.76 -9.74 -14.16
N GLN B 180 14.92 -8.63 -13.45
CA GLN B 180 14.62 -7.32 -14.00
C GLN B 180 15.79 -6.84 -14.85
N GLY B 181 15.57 -5.72 -15.54
CA GLY B 181 16.58 -5.23 -16.49
C GLY B 181 17.74 -4.53 -15.81
N GLU B 182 18.93 -4.78 -16.34
CA GLU B 182 20.14 -4.11 -15.86
C GLU B 182 20.14 -2.65 -16.31
N VAL B 183 20.58 -1.77 -15.41
CA VAL B 183 20.77 -0.36 -15.70
C VAL B 183 22.25 -0.05 -15.52
N VAL B 184 22.85 0.63 -16.50
CA VAL B 184 24.27 0.93 -16.48
C VAL B 184 24.49 2.39 -16.80
N CYS B 185 25.73 2.83 -16.63
CA CYS B 185 26.18 4.14 -17.07
C CYS B 185 27.16 3.90 -18.23
N LEU B 186 26.69 4.20 -19.43
CA LEU B 186 27.45 3.90 -20.65
C LEU B 186 28.61 4.86 -20.83
N LYS B 187 29.77 4.32 -21.21
CA LYS B 187 30.98 5.13 -21.27
C LYS B 187 31.08 5.95 -22.55
N HIS B 188 30.71 5.36 -23.70
CA HIS B 188 30.84 6.03 -25.00
C HIS B 188 29.60 5.74 -25.84
N ALA B 189 28.46 6.25 -25.40
CA ALA B 189 27.21 6.06 -26.11
C ALA B 189 27.00 7.15 -27.16
N SER B 190 26.52 6.76 -28.32
CA SER B 190 26.14 7.75 -29.32
C SER B 190 24.84 8.44 -28.92
N LYS B 191 24.64 9.65 -29.47
CA LYS B 191 23.49 10.47 -29.10
C LYS B 191 22.17 9.81 -29.50
N ARG B 192 22.13 9.07 -30.59
CA ARG B 192 20.90 8.42 -31.03
C ARG B 192 20.72 7.00 -30.49
N ASP B 193 21.61 6.55 -29.60
CA ASP B 193 21.42 5.27 -28.91
C ASP B 193 20.26 5.45 -27.93
N LYS B 194 19.06 4.97 -28.32
CA LYS B 194 17.86 5.20 -27.53
C LYS B 194 17.89 4.49 -26.18
N ARG B 195 18.84 3.59 -25.95
CA ARG B 195 18.99 3.05 -24.60
C ARG B 195 19.35 4.14 -23.61
N THR B 196 19.91 5.26 -24.08
CA THR B 196 20.18 6.39 -23.21
C THR B 196 19.07 7.44 -23.22
N TRP B 197 17.98 7.19 -23.96
CA TRP B 197 16.87 8.14 -24.03
C TRP B 197 15.80 7.76 -23.02
N TRP B 198 15.29 8.75 -22.29
CA TRP B 198 14.26 8.55 -21.27
C TRP B 198 13.15 9.57 -21.47
N ASN B 199 11.95 9.24 -20.98
CA ASN B 199 10.80 10.14 -21.01
C ASN B 199 10.20 10.25 -19.61
N ILE B 200 9.25 11.16 -19.45
CA ILE B 200 8.41 11.22 -18.26
C ILE B 200 7.15 10.43 -18.57
N GLU B 201 6.97 9.31 -17.88
CA GLU B 201 5.87 8.39 -18.23
C GLU B 201 4.61 8.67 -17.41
N THR B 202 4.76 9.03 -16.15
CA THR B 202 3.63 9.48 -15.34
C THR B 202 4.08 10.69 -14.53
N HIS B 203 3.16 11.59 -14.26
CA HIS B 203 3.49 12.84 -13.58
C HIS B 203 2.34 13.20 -12.64
N GLU B 204 2.65 13.37 -11.37
CA GLU B 204 1.68 13.67 -10.33
C GLU B 204 2.19 14.85 -9.54
N ASN B 205 1.40 15.94 -9.47
CA ASN B 205 1.80 17.11 -8.68
C ASN B 205 0.58 17.97 -8.40
N GLU B 206 0.10 17.96 -7.15
CA GLU B 206 -1.10 18.69 -6.77
C GLU B 206 -0.94 20.20 -6.86
N ARG B 207 0.29 20.73 -6.99
CA ARG B 207 0.51 22.17 -6.97
C ARG B 207 0.27 22.84 -8.32
N LEU B 208 0.26 22.06 -9.40
CA LEU B 208 0.26 22.54 -10.77
C LEU B 208 -1.13 22.39 -11.40
N PRO B 209 -1.37 23.05 -12.55
CA PRO B 209 -2.64 22.80 -13.25
C PRO B 209 -2.67 21.38 -13.77
N GLN B 210 -3.83 20.73 -13.61
CA GLN B 210 -3.95 19.30 -13.93
C GLN B 210 -4.23 19.02 -15.39
N GLY B 211 -4.92 19.91 -16.09
CA GLY B 211 -5.23 19.66 -17.48
C GLY B 211 -6.29 18.59 -17.70
N GLU B 212 -6.83 18.52 -18.91
CA GLU B 212 -7.90 17.58 -19.20
C GLU B 212 -7.33 16.23 -19.59
N GLY C 11 -12.05 3.66 13.17
CA GLY C 11 -12.60 2.69 12.22
C GLY C 11 -11.71 2.48 11.00
N PRO C 12 -12.19 1.68 10.05
CA PRO C 12 -11.40 1.35 8.86
C PRO C 12 -11.01 2.57 8.02
N ARG C 13 -9.96 2.39 7.22
CA ARG C 13 -9.35 3.49 6.48
C ARG C 13 -10.22 4.00 5.33
N ASP C 14 -11.02 3.14 4.70
CA ASP C 14 -11.77 3.49 3.49
C ASP C 14 -13.27 3.27 3.70
N VAL C 15 -14.10 4.25 3.35
CA VAL C 15 -15.54 4.15 3.53
C VAL C 15 -16.14 3.36 2.36
N ALA C 16 -16.99 2.38 2.66
CA ALA C 16 -17.58 1.52 1.64
C ALA C 16 -19.06 1.82 1.42
N LEU C 17 -19.53 1.57 0.20
CA LEU C 17 -20.95 1.65 -0.11
C LEU C 17 -21.74 0.66 0.75
N GLY C 18 -22.79 1.16 1.39
CA GLY C 18 -23.74 0.27 2.07
C GLY C 18 -23.36 -0.19 3.45
N SER C 19 -22.22 -0.88 3.56
CA SER C 19 -21.85 -1.54 4.81
C SER C 19 -21.16 -0.62 5.82
N SER C 20 -20.68 0.54 5.39
CA SER C 20 -20.00 1.47 6.29
C SER C 20 -21.02 2.37 6.96
N ILE C 21 -21.02 2.39 8.29
CA ILE C 21 -21.84 3.31 9.08
C ILE C 21 -20.95 4.47 9.51
N ILE C 22 -21.35 5.70 9.20
CA ILE C 22 -20.49 6.86 9.45
C ILE C 22 -21.27 7.95 10.15
N SER C 23 -20.54 8.78 10.91
CA SER C 23 -21.03 10.09 11.28
C SER C 23 -20.22 11.12 10.50
N ILE C 24 -20.82 12.30 10.30
CA ILE C 24 -20.31 13.27 9.34
C ILE C 24 -20.33 14.64 10.00
N LYS C 25 -19.15 15.24 10.16
CA LYS C 25 -18.98 16.44 10.97
C LYS C 25 -18.61 17.62 10.09
N ASN C 26 -19.29 18.74 10.30
CA ASN C 26 -18.99 19.97 9.57
C ASN C 26 -17.65 20.54 10.01
N GLN C 27 -16.90 21.11 9.06
CA GLN C 27 -15.54 21.59 9.30
C GLN C 27 -15.47 23.08 9.59
N ALA C 28 -16.57 23.82 9.52
CA ALA C 28 -16.48 25.21 9.91
C ALA C 28 -16.33 25.33 11.42
N LEU C 29 -15.90 26.51 11.87
CA LEU C 29 -15.81 26.77 13.30
C LEU C 29 -17.18 26.58 13.94
N GLY C 30 -17.22 25.84 15.05
CA GLY C 30 -18.48 25.43 15.64
C GLY C 30 -19.18 24.31 14.91
N GLY C 31 -18.49 23.61 14.00
CA GLY C 31 -19.14 22.59 13.20
C GLY C 31 -19.57 21.40 14.05
N ALA C 32 -20.70 20.81 13.68
CA ALA C 32 -21.25 19.68 14.43
C ALA C 32 -21.68 18.58 13.48
N LEU C 33 -22.41 17.60 14.00
CA LEU C 33 -22.62 16.32 13.29
C LEU C 33 -23.98 16.28 12.60
N LEU C 34 -23.98 15.90 11.32
CA LEU C 34 -25.22 15.72 10.58
C LEU C 34 -26.14 14.75 11.31
N HIS C 35 -27.41 15.15 11.46
CA HIS C 35 -28.30 14.57 12.45
C HIS C 35 -29.71 14.49 11.89
N SER C 36 -30.46 13.49 12.33
CA SER C 36 -31.89 13.43 12.06
C SER C 36 -32.56 12.65 13.18
N HIS C 37 -33.87 12.79 13.25
CA HIS C 37 -34.71 12.19 14.29
C HIS C 37 -36.15 12.26 13.79
N VAL C 38 -37.06 11.61 14.52
CA VAL C 38 -38.41 11.40 13.98
C VAL C 38 -39.23 12.69 13.89
N GLN C 39 -38.84 13.75 14.59
CA GLN C 39 -39.69 14.94 14.64
C GLN C 39 -39.71 15.66 13.29
N PRO C 40 -40.87 16.16 12.87
CA PRO C 40 -40.96 16.85 11.59
C PRO C 40 -40.77 18.36 11.73
N PHE C 41 -40.45 18.98 10.61
CA PHE C 41 -40.52 20.43 10.54
C PHE C 41 -41.96 20.89 10.78
N PRO C 42 -42.17 21.96 11.55
CA PRO C 42 -43.54 22.46 11.71
C PRO C 42 -44.05 23.18 10.49
N GLU C 43 -43.16 23.75 9.67
CA GLU C 43 -43.57 24.48 8.48
C GLU C 43 -42.75 23.93 7.32
N GLY C 44 -42.59 24.74 6.28
CA GLY C 44 -41.85 24.27 5.12
C GLY C 44 -42.53 23.05 4.51
N SER C 45 -41.75 22.00 4.27
CA SER C 45 -42.29 20.76 3.72
C SER C 45 -42.99 19.91 4.77
N GLU C 46 -42.78 20.20 6.05
CA GLU C 46 -43.29 19.40 7.17
C GLU C 46 -42.77 17.97 7.15
N GLN C 47 -41.63 17.74 6.50
CA GLN C 47 -41.00 16.43 6.50
C GLN C 47 -40.04 16.30 7.68
N GLN C 48 -39.52 15.10 7.85
CA GLN C 48 -38.64 14.79 8.97
C GLN C 48 -37.41 15.69 8.94
N GLN C 49 -37.08 16.29 10.08
CA GLN C 49 -36.03 17.29 10.03
C GLN C 49 -34.65 16.67 10.00
N VAL C 50 -33.73 17.41 9.39
CA VAL C 50 -32.30 17.14 9.45
C VAL C 50 -31.65 18.32 10.12
N THR C 51 -30.67 18.06 11.00
CA THR C 51 -30.03 19.10 11.80
C THR C 51 -28.55 18.77 11.93
N VAL C 52 -27.82 19.59 12.68
CA VAL C 52 -26.54 19.19 13.24
C VAL C 52 -26.66 19.17 14.75
N TYR C 53 -25.95 18.24 15.37
CA TYR C 53 -26.03 17.94 16.79
C TYR C 53 -24.61 17.87 17.35
N GLY C 54 -24.43 18.36 18.57
CA GLY C 54 -23.08 18.48 19.11
C GLY C 54 -22.52 17.20 19.70
N TYR C 55 -23.36 16.29 20.17
CA TYR C 55 -22.91 15.16 20.96
C TYR C 55 -23.01 13.85 20.17
N SER C 56 -22.30 12.85 20.65
CA SER C 56 -22.32 11.53 20.02
C SER C 56 -23.64 10.84 20.30
N ASP C 57 -24.24 10.27 19.26
CA ASP C 57 -25.58 9.71 19.34
C ASP C 57 -25.79 8.83 18.11
N ALA C 58 -26.51 7.72 18.29
CA ALA C 58 -26.83 6.87 17.15
C ALA C 58 -27.63 7.61 16.08
N ASN C 59 -28.32 8.69 16.45
CA ASN C 59 -29.02 9.51 15.46
C ASN C 59 -28.08 10.31 14.56
N ASN C 60 -26.77 10.28 14.82
CA ASN C 60 -25.76 10.85 13.92
C ASN C 60 -25.32 9.89 12.83
N GLU C 61 -25.87 8.68 12.76
CA GLU C 61 -25.31 7.64 11.91
C GLU C 61 -26.03 7.57 10.56
N TRP C 62 -25.23 7.59 9.49
CA TRP C 62 -25.70 7.52 8.11
C TRP C 62 -24.95 6.38 7.41
N PHE C 63 -25.43 5.99 6.23
CA PHE C 63 -24.64 5.16 5.33
C PHE C 63 -24.96 5.53 3.89
N PHE C 64 -23.97 5.33 3.00
CA PHE C 64 -24.16 5.62 1.58
C PHE C 64 -24.93 4.49 0.90
N GLN C 65 -25.75 4.86 -0.08
CA GLN C 65 -26.58 3.94 -0.82
C GLN C 65 -26.44 4.29 -2.29
N ARG C 66 -26.86 3.37 -3.17
CA ARG C 66 -26.79 3.66 -4.59
C ARG C 66 -27.81 4.73 -4.97
N ILE C 67 -27.58 5.36 -6.13
CA ILE C 67 -28.47 6.44 -6.57
C ILE C 67 -29.87 5.92 -6.83
N ARG C 68 -30.85 6.81 -6.68
CA ARG C 68 -32.19 6.51 -7.11
C ARG C 68 -32.17 6.21 -8.60
N GLY C 69 -32.88 5.15 -8.97
CA GLY C 69 -32.98 4.71 -10.35
C GLY C 69 -32.30 3.39 -10.61
N VAL C 70 -31.41 2.97 -9.72
CA VAL C 70 -30.69 1.71 -9.85
C VAL C 70 -31.11 0.82 -8.68
N GLU C 71 -30.86 -0.47 -8.82
CA GLU C 71 -31.13 -1.41 -7.74
C GLU C 71 -30.27 -1.07 -6.52
N PRO C 72 -30.86 -0.90 -5.35
CA PRO C 72 -30.07 -0.50 -4.17
C PRO C 72 -29.22 -1.64 -3.63
N TRP C 73 -28.18 -1.24 -2.90
CA TRP C 73 -27.31 -2.20 -2.22
C TRP C 73 -28.07 -2.85 -1.07
N THR C 74 -27.89 -4.16 -0.93
CA THR C 74 -28.53 -4.88 0.16
C THR C 74 -27.48 -5.65 0.96
N ASP C 75 -27.74 -5.77 2.27
CA ASP C 75 -26.81 -6.43 3.18
C ASP C 75 -26.50 -7.86 2.79
N ALA C 76 -27.29 -8.45 1.90
CA ALA C 76 -27.02 -9.80 1.39
C ALA C 76 -25.95 -9.81 0.31
N GLU C 77 -25.40 -8.66 -0.06
CA GLU C 77 -24.32 -8.58 -1.04
C GLU C 77 -23.00 -8.78 -0.33
N ASN C 78 -22.33 -9.90 -0.61
CA ASN C 78 -20.98 -10.14 -0.15
C ASN C 78 -20.07 -10.53 -1.31
N LYS C 79 -20.58 -10.46 -2.54
CA LYS C 79 -19.73 -10.68 -3.70
C LYS C 79 -18.61 -9.66 -3.76
N THR C 80 -18.86 -8.44 -3.26
CA THR C 80 -17.98 -7.31 -3.55
C THR C 80 -18.17 -6.21 -2.52
N ILE C 81 -17.06 -5.63 -2.06
CA ILE C 81 -17.07 -4.41 -1.26
C ILE C 81 -16.70 -3.25 -2.16
N GLU C 82 -17.60 -2.29 -2.32
CA GLU C 82 -17.39 -1.14 -3.19
C GLU C 82 -17.18 0.13 -2.35
N PHE C 83 -16.12 0.88 -2.66
CA PHE C 83 -15.77 2.07 -1.89
C PHE C 83 -16.39 3.32 -2.51
N VAL C 84 -16.74 4.26 -1.64
CA VAL C 84 -17.24 5.56 -2.06
C VAL C 84 -16.13 6.36 -2.74
N LYS C 85 -16.40 6.90 -3.92
CA LYS C 85 -15.40 7.54 -4.76
C LYS C 85 -15.70 9.02 -4.93
N GLY C 86 -14.66 9.84 -4.82
CA GLY C 86 -14.84 11.26 -5.11
C GLY C 86 -15.31 11.48 -6.53
N GLY C 87 -16.30 12.36 -6.71
CA GLY C 87 -16.86 12.63 -8.02
C GLY C 87 -18.03 11.76 -8.40
N GLU C 88 -18.34 10.74 -7.62
CA GLU C 88 -19.50 9.91 -7.93
C GLU C 88 -20.69 10.36 -7.10
N MET C 89 -21.88 9.91 -7.48
CA MET C 89 -23.07 10.32 -6.75
C MET C 89 -23.73 9.13 -6.05
N TYR C 90 -24.37 9.45 -4.94
CA TYR C 90 -24.87 8.46 -3.98
C TYR C 90 -26.12 9.03 -3.33
N ARG C 91 -26.87 8.17 -2.67
CA ARG C 91 -27.80 8.61 -1.64
C ARG C 91 -27.16 8.44 -0.28
N LEU C 92 -27.63 9.21 0.69
CA LEU C 92 -27.17 9.09 2.07
C LEU C 92 -28.37 8.77 2.94
N MET C 93 -28.35 7.61 3.56
CA MET C 93 -29.47 7.09 4.32
C MET C 93 -29.23 7.30 5.82
N HIS C 94 -30.26 7.79 6.52
CA HIS C 94 -30.24 7.84 7.96
C HIS C 94 -30.54 6.46 8.51
N ARG C 95 -29.64 5.91 9.33
CA ARG C 95 -29.74 4.49 9.68
C ARG C 95 -30.95 4.20 10.55
N LEU C 96 -31.16 4.98 11.61
CA LEU C 96 -32.23 4.64 12.56
C LEU C 96 -33.62 4.84 11.96
N THR C 97 -33.80 5.83 11.09
CA THR C 97 -35.11 6.02 10.49
C THR C 97 -35.22 5.51 9.07
N GLY C 98 -34.09 5.22 8.41
CA GLY C 98 -34.17 4.66 7.07
C GLY C 98 -34.54 5.63 5.96
N LYS C 99 -34.56 6.93 6.21
CA LYS C 99 -34.96 7.90 5.21
C LYS C 99 -33.75 8.49 4.49
N ASN C 100 -33.99 9.01 3.28
CA ASN C 100 -32.93 9.62 2.49
C ASN C 100 -32.67 11.06 2.90
N LEU C 101 -31.40 11.47 2.84
CA LEU C 101 -31.07 12.89 2.89
C LEU C 101 -31.69 13.55 1.67
N HIS C 102 -32.50 14.59 1.89
CA HIS C 102 -33.39 15.09 0.85
C HIS C 102 -33.37 16.62 0.85
N THR C 103 -33.49 17.21 -0.35
CA THR C 103 -33.65 18.64 -0.49
C THR C 103 -34.59 18.90 -1.67
N HIS C 104 -34.96 20.17 -1.84
CA HIS C 104 -36.02 20.55 -2.76
C HIS C 104 -36.16 22.06 -2.71
N GLU C 105 -36.95 22.60 -3.65
CA GLU C 105 -37.20 24.04 -3.73
C GLU C 105 -38.24 24.43 -2.69
N VAL C 106 -37.82 24.34 -1.43
CA VAL C 106 -38.60 24.77 -0.28
C VAL C 106 -37.71 25.69 0.55
N PRO C 107 -38.20 26.83 1.03
CA PRO C 107 -37.36 27.69 1.87
C PRO C 107 -36.93 26.97 3.15
N ALA C 108 -35.64 27.11 3.48
CA ALA C 108 -35.12 26.59 4.74
C ALA C 108 -35.87 27.22 5.92
N PRO C 109 -35.89 26.54 7.08
CA PRO C 109 -36.71 27.04 8.20
C PRO C 109 -36.27 28.39 8.73
N ILE C 110 -34.97 28.69 8.76
CA ILE C 110 -34.46 29.99 9.22
C ILE C 110 -33.91 30.81 8.05
N SER C 111 -32.96 30.25 7.30
CA SER C 111 -32.32 30.95 6.19
C SER C 111 -33.21 30.85 4.97
N LYS C 112 -34.15 31.80 4.85
CA LYS C 112 -35.21 31.71 3.85
C LYS C 112 -34.69 31.78 2.41
N SER C 113 -33.52 32.36 2.19
CA SER C 113 -32.96 32.41 0.83
C SER C 113 -32.32 31.09 0.40
N GLU C 114 -32.28 30.09 1.28
CA GLU C 114 -31.68 28.80 0.98
C GLU C 114 -32.74 27.71 0.99
N TYR C 115 -32.32 26.51 0.58
CA TYR C 115 -33.23 25.38 0.44
C TYR C 115 -33.29 24.55 1.72
N GLU C 116 -34.51 24.19 2.10
CA GLU C 116 -34.72 23.27 3.20
C GLU C 116 -34.08 21.92 2.88
N VAL C 117 -33.46 21.32 3.90
CA VAL C 117 -32.96 19.95 3.85
C VAL C 117 -33.73 19.14 4.88
N SER C 118 -34.20 17.96 4.47
CA SER C 118 -35.04 17.10 5.29
C SER C 118 -34.65 15.64 5.02
N ALA C 119 -35.32 14.72 5.71
CA ALA C 119 -35.15 13.29 5.51
C ALA C 119 -36.48 12.72 5.03
N TYR C 120 -36.45 12.01 3.89
CA TYR C 120 -37.70 11.65 3.22
C TYR C 120 -37.54 10.32 2.49
N GLY C 121 -38.65 9.58 2.38
CA GLY C 121 -38.69 8.31 1.65
C GLY C 121 -37.94 7.20 2.38
N ASP C 122 -37.60 6.15 1.63
CA ASP C 122 -36.81 5.05 2.19
C ASP C 122 -35.90 4.48 1.10
N VAL C 123 -35.31 3.31 1.38
CA VAL C 123 -34.39 2.68 0.43
C VAL C 123 -35.08 2.44 -0.91
N ASP C 124 -36.35 2.07 -0.91
CA ASP C 124 -37.05 1.78 -2.15
C ASP C 124 -37.80 2.96 -2.74
N LEU C 125 -38.18 3.96 -1.92
CA LEU C 125 -38.99 5.06 -2.38
C LEU C 125 -38.30 6.39 -2.12
N GLY C 126 -38.46 7.32 -3.05
CA GLY C 126 -37.77 8.59 -3.05
C GLY C 126 -37.47 8.97 -4.48
N ASP C 127 -37.13 10.24 -4.70
CA ASP C 127 -36.92 10.68 -6.07
C ASP C 127 -35.46 11.06 -6.27
N TYR C 128 -35.20 11.70 -7.40
CA TYR C 128 -33.83 12.01 -7.81
C TYR C 128 -33.21 13.16 -7.03
N LYS C 129 -34.00 13.91 -6.26
CA LYS C 129 -33.42 14.94 -5.41
C LYS C 129 -32.64 14.35 -4.24
N ASP C 130 -32.67 13.04 -4.07
CA ASP C 130 -31.89 12.34 -3.06
C ASP C 130 -30.50 11.96 -3.54
N ASN C 131 -30.17 12.21 -4.80
CA ASN C 131 -28.85 11.92 -5.33
C ASN C 131 -27.92 13.09 -5.05
N TRP C 132 -26.79 12.80 -4.40
CA TRP C 132 -25.79 13.80 -4.02
C TRP C 132 -24.44 13.41 -4.60
N ILE C 133 -23.68 14.41 -5.06
CA ILE C 133 -22.35 14.20 -5.61
C ILE C 133 -21.31 14.49 -4.54
N ILE C 134 -20.46 13.52 -4.28
CA ILE C 134 -19.42 13.66 -3.27
C ILE C 134 -18.18 14.25 -3.91
N GLU C 135 -17.78 15.46 -3.47
CA GLU C 135 -16.63 16.16 -4.05
C GLU C 135 -15.55 16.32 -2.99
N ILE C 136 -14.45 15.61 -3.16
CA ILE C 136 -13.33 15.68 -2.22
C ILE C 136 -12.56 16.97 -2.45
N VAL C 137 -12.33 17.73 -1.38
CA VAL C 137 -11.61 18.99 -1.48
C VAL C 137 -10.33 19.01 -0.66
N GLU C 138 -10.10 18.03 0.21
CA GLU C 138 -8.84 17.98 0.93
C GLU C 138 -8.55 16.56 1.37
N GLN C 139 -7.27 16.19 1.34
CA GLN C 139 -6.77 14.93 1.87
C GLN C 139 -5.50 15.23 2.67
N VAL C 140 -5.52 14.92 3.96
CA VAL C 140 -4.35 15.21 4.78
C VAL C 140 -3.30 14.10 4.64
N GLY C 141 -3.72 12.85 4.74
CA GLY C 141 -2.80 11.74 4.62
C GLY C 141 -2.29 11.51 3.21
N GLU C 142 -1.44 10.51 3.07
CA GLU C 142 -0.91 10.06 1.78
C GLU C 142 -1.68 8.88 1.21
N GLU C 143 -2.82 8.55 1.81
CA GLU C 143 -3.64 7.43 1.34
C GLU C 143 -4.36 7.83 0.05
N ASP C 144 -5.02 6.86 -0.56
CA ASP C 144 -5.69 7.03 -1.85
C ASP C 144 -6.55 8.29 -1.85
N PRO C 145 -6.20 9.31 -2.64
CA PRO C 145 -6.93 10.59 -2.58
C PRO C 145 -8.33 10.54 -3.17
N THR C 146 -8.72 9.45 -3.84
CA THR C 146 -10.06 9.34 -4.42
C THR C 146 -11.07 8.70 -3.48
N LEU C 147 -10.64 8.21 -2.32
CA LEU C 147 -11.52 7.57 -1.35
C LEU C 147 -11.78 8.49 -0.15
N LEU C 148 -12.80 8.14 0.65
CA LEU C 148 -13.09 8.83 1.89
C LEU C 148 -12.41 8.13 3.06
N HIS C 149 -11.64 8.87 3.86
CA HIS C 149 -10.92 8.32 5.00
C HIS C 149 -11.38 9.01 6.27
N PRO C 150 -11.53 8.29 7.38
CA PRO C 150 -11.88 8.94 8.65
C PRO C 150 -10.93 10.09 8.99
N LEU C 151 -11.52 11.22 9.35
CA LEU C 151 -10.85 12.40 9.90
C LEU C 151 -10.05 13.18 8.84
N SER C 152 -9.29 12.49 8.00
CA SER C 152 -8.32 13.19 7.16
C SER C 152 -8.92 13.73 5.85
N THR C 153 -10.02 13.18 5.37
CA THR C 153 -10.65 13.65 4.14
C THR C 153 -11.70 14.71 4.44
N SER C 154 -11.64 15.83 3.72
CA SER C 154 -12.73 16.80 3.71
C SER C 154 -13.45 16.71 2.38
N PHE C 155 -14.77 16.75 2.41
CA PHE C 155 -15.54 16.66 1.19
C PHE C 155 -16.79 17.52 1.25
N ARG C 156 -17.30 17.81 0.07
CA ARG C 156 -18.52 18.58 -0.13
C ARG C 156 -19.60 17.66 -0.69
N ILE C 157 -20.86 18.04 -0.47
CA ILE C 157 -22.02 17.21 -0.76
C ILE C 157 -22.97 18.04 -1.61
N LYS C 158 -22.98 17.79 -2.92
CA LYS C 158 -23.66 18.63 -3.90
C LYS C 158 -24.90 17.92 -4.45
N ASN C 159 -26.05 18.58 -4.32
CA ASN C 159 -27.28 18.01 -4.87
C ASN C 159 -27.20 18.00 -6.39
N SER C 160 -27.44 16.84 -6.98
CA SER C 160 -27.25 16.72 -8.43
C SER C 160 -28.31 17.49 -9.21
N ILE C 161 -29.50 17.67 -8.66
CA ILE C 161 -30.58 18.35 -9.37
C ILE C 161 -30.53 19.86 -9.19
N LEU C 162 -30.46 20.33 -7.94
CA LEU C 162 -30.46 21.76 -7.69
C LEU C 162 -29.07 22.40 -7.72
N GLY C 163 -28.01 21.59 -7.63
CA GLY C 163 -26.67 22.13 -7.69
C GLY C 163 -26.20 22.86 -6.45
N CYS C 164 -26.98 22.82 -5.37
CA CYS C 164 -26.63 23.46 -4.11
C CYS C 164 -25.82 22.52 -3.22
N TYR C 165 -25.18 23.09 -2.20
CA TYR C 165 -24.25 22.35 -1.34
C TYR C 165 -24.81 22.22 0.07
N LEU C 166 -24.79 21.00 0.60
CA LEU C 166 -25.18 20.76 1.98
C LEU C 166 -24.30 21.57 2.93
N ALA C 167 -24.93 22.26 3.87
CA ALA C 167 -24.19 23.20 4.72
C ALA C 167 -24.83 23.36 6.09
N GLN C 168 -23.97 23.47 7.11
CA GLN C 168 -24.39 23.97 8.42
C GLN C 168 -24.42 25.48 8.32
N SER C 169 -25.62 26.06 8.35
CA SER C 169 -25.76 27.48 8.03
C SER C 169 -25.16 28.37 9.11
N GLY C 170 -25.14 27.90 10.36
CA GLY C 170 -24.77 28.72 11.48
C GLY C 170 -25.94 29.17 12.35
N LYS C 171 -27.17 29.01 11.88
CA LYS C 171 -28.35 29.36 12.65
C LYS C 171 -28.76 28.21 13.57
N HIS C 172 -29.37 28.55 14.69
CA HIS C 172 -29.93 27.55 15.58
C HIS C 172 -31.43 27.46 15.36
N LEU C 173 -31.95 26.24 15.43
CA LEU C 173 -33.39 26.04 15.35
C LEU C 173 -34.04 26.37 16.69
N PRO C 174 -35.33 26.68 16.67
CA PRO C 174 -36.06 26.92 17.94
C PRO C 174 -36.25 25.65 18.75
N GLU C 175 -37.07 25.76 19.81
CA GLU C 175 -37.31 24.60 20.67
C GLU C 175 -37.87 23.41 19.90
N TRP C 176 -38.69 23.64 18.86
CA TRP C 176 -39.24 22.50 18.13
C TRP C 176 -38.17 21.70 17.41
N GLY C 177 -36.97 22.26 17.25
CA GLY C 177 -35.86 21.52 16.67
C GLY C 177 -34.84 21.21 17.75
N PHE C 178 -35.26 21.31 19.01
CA PHE C 178 -34.42 21.01 20.17
C PHE C 178 -33.16 21.88 20.20
N ARG C 179 -33.24 23.09 19.65
CA ARG C 179 -32.14 24.06 19.67
C ARG C 179 -30.92 23.53 18.92
N GLN C 180 -31.12 22.63 17.97
CA GLN C 180 -30.02 22.12 17.19
C GLN C 180 -29.74 23.07 16.01
N GLY C 181 -28.70 22.76 15.25
CA GLY C 181 -28.28 23.67 14.18
C GLY C 181 -29.05 23.43 12.89
N GLU C 182 -29.36 24.52 12.21
CA GLU C 182 -30.01 24.44 10.91
C GLU C 182 -29.07 23.86 9.85
N VAL C 183 -29.60 22.96 9.03
CA VAL C 183 -28.90 22.43 7.86
C VAL C 183 -29.64 22.92 6.63
N VAL C 184 -28.91 23.48 5.67
CA VAL C 184 -29.52 24.00 4.45
C VAL C 184 -28.74 23.47 3.26
N CYS C 185 -29.27 23.75 2.07
CA CYS C 185 -28.57 23.53 0.81
C CYS C 185 -28.29 24.90 0.22
N LEU C 186 -27.01 25.29 0.20
CA LEU C 186 -26.61 26.64 -0.17
C LEU C 186 -26.56 26.79 -1.67
N LYS C 187 -27.34 27.73 -2.18
CA LYS C 187 -27.18 28.18 -3.56
C LYS C 187 -25.90 29.00 -3.67
N HIS C 188 -25.21 28.87 -4.81
CA HIS C 188 -24.02 29.65 -5.12
C HIS C 188 -23.02 29.65 -3.96
N ALA C 189 -22.76 28.46 -3.42
CA ALA C 189 -21.79 28.34 -2.35
C ALA C 189 -20.38 28.48 -2.90
N SER C 190 -19.52 29.15 -2.14
CA SER C 190 -18.11 29.25 -2.47
C SER C 190 -17.37 27.99 -2.04
N LYS C 191 -16.42 27.56 -2.88
CA LYS C 191 -15.65 26.37 -2.55
C LYS C 191 -14.92 26.52 -1.22
N ARG C 192 -14.47 27.72 -0.90
CA ARG C 192 -13.76 27.98 0.35
C ARG C 192 -14.67 28.19 1.54
N ASP C 193 -15.98 28.11 1.36
CA ASP C 193 -16.94 28.27 2.46
C ASP C 193 -16.97 26.96 3.24
N LYS C 194 -16.32 26.95 4.41
CA LYS C 194 -16.15 25.72 5.17
C LYS C 194 -17.45 25.21 5.75
N ARG C 195 -18.52 26.03 5.75
CA ARG C 195 -19.83 25.50 6.08
C ARG C 195 -20.27 24.42 5.10
N THR C 196 -19.64 24.32 3.93
CA THR C 196 -19.97 23.23 3.02
C THR C 196 -18.98 22.06 3.11
N TRP C 197 -17.97 22.16 3.97
CA TRP C 197 -16.98 21.10 4.13
C TRP C 197 -17.39 20.15 5.26
N TRP C 198 -17.21 18.85 5.00
CA TRP C 198 -17.60 17.79 5.92
C TRP C 198 -16.47 16.76 5.98
N ASN C 199 -16.41 16.01 7.07
CA ASN C 199 -15.45 14.92 7.18
C ASN C 199 -16.15 13.70 7.78
N ILE C 200 -15.53 12.54 7.61
CA ILE C 200 -15.97 11.33 8.29
C ILE C 200 -15.44 11.41 9.72
N GLU C 201 -16.34 11.44 10.70
CA GLU C 201 -15.94 11.60 12.09
C GLU C 201 -15.80 10.27 12.80
N THR C 202 -16.70 9.32 12.52
CA THR C 202 -16.59 7.96 13.02
C THR C 202 -16.95 7.02 11.87
N HIS C 203 -16.42 5.80 11.93
CA HIS C 203 -16.61 4.87 10.83
C HIS C 203 -16.69 3.46 11.40
N GLU C 204 -17.79 2.76 11.10
CA GLU C 204 -18.01 1.41 11.60
C GLU C 204 -18.24 0.48 10.41
N ASN C 205 -17.39 -0.54 10.28
CA ASN C 205 -17.61 -1.55 9.24
C ASN C 205 -16.86 -2.83 9.61
N GLU C 206 -17.59 -3.83 10.09
CA GLU C 206 -17.00 -5.12 10.42
C GLU C 206 -16.37 -5.83 9.22
N ARG C 207 -16.72 -5.44 7.98
CA ARG C 207 -16.17 -6.12 6.81
C ARG C 207 -14.74 -5.71 6.49
N LEU C 208 -14.21 -4.67 7.12
CA LEU C 208 -12.91 -4.11 6.81
C LEU C 208 -11.97 -4.19 8.01
N PRO C 209 -10.66 -4.05 7.81
CA PRO C 209 -9.74 -4.02 8.95
C PRO C 209 -9.93 -2.75 9.77
N GLN C 210 -10.01 -2.91 11.08
CA GLN C 210 -10.17 -1.80 11.99
C GLN C 210 -8.85 -1.06 12.14
N GLY C 211 -8.94 0.24 12.43
CA GLY C 211 -7.74 0.97 12.81
C GLY C 211 -7.13 0.43 14.08
N GLU C 212 -5.88 0.80 14.32
CA GLU C 212 -5.12 0.29 15.47
C GLU C 212 -5.45 1.02 16.76
N GLY D 11 -5.14 -16.40 8.40
CA GLY D 11 -5.45 -15.31 7.49
C GLY D 11 -6.93 -14.94 7.42
N PRO D 12 -7.26 -13.94 6.61
CA PRO D 12 -8.67 -13.59 6.39
C PRO D 12 -9.47 -14.79 5.90
N ARG D 13 -10.79 -14.75 6.16
CA ARG D 13 -11.62 -15.92 5.88
C ARG D 13 -12.11 -16.01 4.44
N ASP D 14 -12.03 -14.94 3.64
CA ASP D 14 -12.50 -14.96 2.26
C ASP D 14 -11.40 -14.49 1.33
N VAL D 15 -11.16 -15.25 0.27
CA VAL D 15 -10.06 -14.96 -0.64
C VAL D 15 -10.52 -13.97 -1.70
N ALA D 16 -9.77 -12.89 -1.86
CA ALA D 16 -10.15 -11.81 -2.75
C ALA D 16 -9.33 -11.86 -4.02
N LEU D 17 -9.94 -11.45 -5.13
CA LEU D 17 -9.22 -11.34 -6.38
C LEU D 17 -8.09 -10.33 -6.26
N GLY D 18 -6.92 -10.69 -6.78
CA GLY D 18 -5.82 -9.76 -6.86
C GLY D 18 -4.99 -9.60 -5.61
N SER D 19 -5.62 -9.14 -4.53
CA SER D 19 -4.88 -8.72 -3.33
C SER D 19 -4.60 -9.86 -2.35
N SER D 20 -5.32 -10.99 -2.45
CA SER D 20 -5.05 -12.11 -1.54
C SER D 20 -3.87 -12.93 -2.08
N ILE D 21 -2.83 -13.08 -1.26
CA ILE D 21 -1.69 -13.95 -1.58
C ILE D 21 -1.92 -15.29 -0.89
N ILE D 22 -1.90 -16.37 -1.65
CA ILE D 22 -2.29 -17.67 -1.12
C ILE D 22 -1.27 -18.73 -1.52
N SER D 23 -1.18 -19.77 -0.71
CA SER D 23 -0.59 -21.02 -1.14
C SER D 23 -1.67 -22.09 -1.23
N ILE D 24 -1.46 -23.05 -2.11
CA ILE D 24 -2.48 -24.01 -2.52
C ILE D 24 -1.93 -25.42 -2.33
N LYS D 25 -2.58 -26.21 -1.48
CA LYS D 25 -2.11 -27.55 -1.12
C LYS D 25 -3.01 -28.62 -1.71
N ASN D 26 -2.40 -29.69 -2.21
CA ASN D 26 -3.15 -30.80 -2.80
C ASN D 26 -3.67 -31.73 -1.71
N GLN D 27 -4.83 -32.33 -1.97
CA GLN D 27 -5.56 -33.10 -0.96
C GLN D 27 -5.37 -34.60 -1.09
N ALA D 28 -4.58 -35.08 -2.04
CA ALA D 28 -4.32 -36.50 -2.09
C ALA D 28 -3.28 -36.88 -1.04
N LEU D 29 -3.16 -38.18 -0.80
CA LEU D 29 -2.13 -38.67 0.12
C LEU D 29 -0.75 -38.23 -0.37
N GLY D 30 0.00 -37.56 0.50
CA GLY D 30 1.23 -36.95 0.08
C GLY D 30 1.07 -35.66 -0.70
N GLY D 31 -0.11 -35.05 -0.67
CA GLY D 31 -0.29 -33.78 -1.38
C GLY D 31 0.61 -32.68 -0.83
N ALA D 32 1.19 -31.90 -1.74
CA ALA D 32 2.11 -30.83 -1.40
C ALA D 32 1.61 -29.52 -2.00
N LEU D 33 2.46 -28.49 -1.98
CA LEU D 33 2.07 -27.12 -2.32
C LEU D 33 2.39 -26.79 -3.77
N LEU D 34 1.42 -26.18 -4.46
CA LEU D 34 1.65 -25.73 -5.83
C LEU D 34 2.81 -24.75 -5.88
N HIS D 35 3.73 -24.96 -6.82
CA HIS D 35 5.04 -24.33 -6.74
C HIS D 35 5.50 -23.95 -8.14
N SER D 36 6.32 -22.90 -8.23
CA SER D 36 7.03 -22.61 -9.48
C SER D 36 8.36 -21.95 -9.13
N HIS D 37 9.23 -21.86 -10.14
CA HIS D 37 10.57 -21.31 -9.97
C HIS D 37 11.10 -21.03 -11.37
N VAL D 38 12.27 -20.39 -11.46
CA VAL D 38 12.73 -19.90 -12.76
C VAL D 38 13.13 -21.03 -13.71
N GLN D 39 13.50 -22.18 -13.19
CA GLN D 39 14.02 -23.25 -14.06
C GLN D 39 12.94 -23.72 -15.02
N PRO D 40 13.24 -23.85 -16.31
CA PRO D 40 12.26 -24.33 -17.28
C PRO D 40 12.37 -25.83 -17.51
N PHE D 41 11.37 -26.36 -18.22
CA PHE D 41 11.42 -27.76 -18.68
C PHE D 41 12.50 -27.91 -19.73
N PRO D 42 13.30 -28.98 -19.66
CA PRO D 42 14.31 -29.20 -20.70
C PRO D 42 13.70 -29.64 -22.03
N GLU D 43 12.53 -30.26 -22.00
CA GLU D 43 11.87 -30.76 -23.20
C GLU D 43 10.43 -30.24 -23.17
N GLY D 44 9.53 -30.93 -23.87
CA GLY D 44 8.15 -30.47 -23.92
C GLY D 44 8.07 -29.06 -24.44
N SER D 45 7.39 -28.19 -23.69
CA SER D 45 7.23 -26.80 -24.10
C SER D 45 8.45 -25.94 -23.82
N GLU D 46 9.37 -26.41 -22.98
CA GLU D 46 10.55 -25.67 -22.54
C GLU D 46 10.18 -24.37 -21.80
N GLN D 47 8.94 -24.28 -21.31
CA GLN D 47 8.50 -23.16 -20.52
C GLN D 47 8.82 -23.37 -19.03
N GLN D 48 8.54 -22.36 -18.22
CA GLN D 48 8.88 -22.40 -16.81
C GLN D 48 8.15 -23.54 -16.10
N GLN D 49 8.87 -24.23 -15.22
CA GLN D 49 8.30 -25.39 -14.54
C GLN D 49 7.22 -24.99 -13.53
N VAL D 50 6.26 -25.89 -13.39
CA VAL D 50 5.30 -25.88 -12.27
C VAL D 50 5.36 -27.26 -11.64
N THR D 51 5.44 -27.30 -10.31
CA THR D 51 5.66 -28.51 -9.54
C THR D 51 4.81 -28.44 -8.27
N VAL D 52 4.91 -29.46 -7.42
CA VAL D 52 4.48 -29.33 -6.03
C VAL D 52 5.70 -29.51 -5.15
N TYR D 53 5.71 -28.78 -4.03
CA TYR D 53 6.88 -28.61 -3.19
C TYR D 53 6.48 -28.89 -1.74
N GLY D 54 7.40 -29.49 -1.00
CA GLY D 54 7.12 -29.93 0.36
C GLY D 54 7.46 -28.95 1.47
N TYR D 55 8.07 -27.80 1.17
CA TYR D 55 8.47 -26.88 2.21
C TYR D 55 7.81 -25.52 2.01
N SER D 56 7.72 -24.75 3.09
CA SER D 56 7.20 -23.39 3.03
C SER D 56 8.23 -22.46 2.41
N ASP D 57 7.79 -21.66 1.45
CA ASP D 57 8.69 -20.93 0.60
C ASP D 57 7.88 -19.87 -0.13
N ALA D 58 8.50 -18.73 -0.43
CA ALA D 58 7.77 -17.70 -1.16
C ALA D 58 7.49 -18.12 -2.60
N ASN D 59 8.16 -19.16 -3.09
CA ASN D 59 7.82 -19.68 -4.40
C ASN D 59 6.52 -20.50 -4.41
N ASN D 60 5.88 -20.70 -3.26
CA ASN D 60 4.55 -21.29 -3.22
C ASN D 60 3.43 -20.26 -3.28
N GLU D 61 3.75 -18.97 -3.45
CA GLU D 61 2.73 -17.92 -3.35
C GLU D 61 2.11 -17.62 -4.70
N TRP D 62 0.79 -17.53 -4.73
CA TRP D 62 0.03 -17.27 -5.93
C TRP D 62 -1.01 -16.20 -5.63
N PHE D 63 -1.61 -15.64 -6.67
CA PHE D 63 -2.79 -14.82 -6.47
C PHE D 63 -3.71 -14.94 -7.67
N PHE D 64 -5.00 -14.76 -7.43
CA PHE D 64 -5.99 -14.81 -8.50
C PHE D 64 -6.02 -13.50 -9.26
N GLN D 65 -6.26 -13.60 -10.57
CA GLN D 65 -6.29 -12.47 -11.48
C GLN D 65 -7.50 -12.63 -12.38
N ARG D 66 -8.00 -11.51 -12.90
CA ARG D 66 -9.11 -11.58 -13.85
C ARG D 66 -8.69 -12.38 -15.08
N ILE D 67 -9.70 -12.91 -15.78
CA ILE D 67 -9.43 -13.71 -16.97
C ILE D 67 -8.73 -12.89 -18.05
N ARG D 68 -7.91 -13.58 -18.85
CA ARG D 68 -7.56 -13.08 -20.17
C ARG D 68 -8.84 -12.75 -20.93
N GLY D 69 -8.88 -11.57 -21.54
CA GLY D 69 -10.08 -11.08 -22.21
C GLY D 69 -10.68 -9.82 -21.59
N VAL D 70 -10.26 -9.45 -20.37
CA VAL D 70 -10.73 -8.25 -19.69
C VAL D 70 -9.53 -7.54 -19.07
N GLU D 71 -9.70 -6.26 -18.78
CA GLU D 71 -8.60 -5.49 -18.19
C GLU D 71 -8.25 -6.08 -16.82
N PRO D 72 -6.98 -6.34 -16.54
CA PRO D 72 -6.62 -6.99 -15.28
C PRO D 72 -6.72 -6.07 -14.07
N TRP D 73 -6.89 -6.71 -12.92
CA TRP D 73 -6.80 -6.01 -11.63
C TRP D 73 -5.39 -5.50 -11.38
N THR D 74 -5.26 -4.33 -10.75
CA THR D 74 -3.98 -3.81 -10.32
C THR D 74 -4.08 -3.32 -8.88
N ASP D 75 -2.92 -3.15 -8.25
CA ASP D 75 -2.91 -2.72 -6.85
C ASP D 75 -3.38 -1.28 -6.70
N ALA D 76 -3.22 -0.46 -7.73
CA ALA D 76 -3.62 0.94 -7.64
C ALA D 76 -5.08 1.15 -7.98
N GLU D 77 -5.81 0.09 -8.33
CA GLU D 77 -7.19 0.22 -8.77
C GLU D 77 -8.07 0.78 -7.66
N ASN D 78 -8.14 0.07 -6.54
CA ASN D 78 -8.82 0.55 -5.32
C ASN D 78 -10.26 0.94 -5.59
N LYS D 79 -10.94 0.21 -6.46
CA LYS D 79 -12.35 0.49 -6.66
C LYS D 79 -13.21 -0.38 -5.76
N THR D 80 -12.85 -1.66 -5.70
CA THR D 80 -13.64 -2.68 -5.02
C THR D 80 -12.69 -3.76 -4.53
N ILE D 81 -13.14 -4.49 -3.52
CA ILE D 81 -12.59 -5.80 -3.19
C ILE D 81 -13.58 -6.83 -3.72
N GLU D 82 -13.12 -7.69 -4.62
N GLU D 82 -13.11 -7.68 -4.62
CA GLU D 82 -13.94 -8.72 -5.24
CA GLU D 82 -13.95 -8.72 -5.23
C GLU D 82 -13.46 -10.08 -4.77
C GLU D 82 -13.47 -10.08 -4.78
N PHE D 83 -14.40 -10.92 -4.35
CA PHE D 83 -14.06 -12.23 -3.78
C PHE D 83 -14.20 -13.33 -4.82
N VAL D 84 -13.24 -14.25 -4.80
CA VAL D 84 -13.20 -15.36 -5.75
C VAL D 84 -14.39 -16.28 -5.52
N LYS D 85 -15.17 -16.52 -6.56
CA LYS D 85 -16.43 -17.23 -6.44
C LYS D 85 -16.36 -18.56 -7.16
N GLY D 86 -16.94 -19.60 -6.55
CA GLY D 86 -16.98 -20.90 -7.19
C GLY D 86 -17.78 -20.87 -8.48
N GLY D 87 -17.30 -21.61 -9.48
CA GLY D 87 -17.95 -21.66 -10.78
C GLY D 87 -17.55 -20.56 -11.73
N GLU D 88 -16.82 -19.54 -11.27
CA GLU D 88 -16.28 -18.48 -12.10
C GLU D 88 -14.86 -18.78 -12.55
N MET D 89 -14.38 -18.02 -13.54
CA MET D 89 -13.08 -18.23 -14.14
C MET D 89 -12.09 -17.12 -13.75
N TYR D 90 -10.82 -17.52 -13.62
CA TYR D 90 -9.75 -16.65 -13.15
C TYR D 90 -8.43 -17.08 -13.78
N ARG D 91 -7.45 -16.17 -13.76
CA ARG D 91 -6.06 -16.56 -13.94
C ARG D 91 -5.41 -16.77 -12.57
N LEU D 92 -4.39 -17.63 -12.53
CA LEU D 92 -3.59 -17.85 -11.33
C LEU D 92 -2.16 -17.39 -11.62
N MET D 93 -1.71 -16.35 -10.91
CA MET D 93 -0.41 -15.74 -11.14
C MET D 93 0.58 -16.21 -10.07
N HIS D 94 1.75 -16.66 -10.49
CA HIS D 94 2.83 -16.97 -9.56
C HIS D 94 3.47 -15.66 -9.09
N ARG D 95 3.45 -15.42 -7.78
CA ARG D 95 3.75 -14.07 -7.29
C ARG D 95 5.17 -13.65 -7.66
N LEU D 96 6.16 -14.52 -7.42
CA LEU D 96 7.55 -14.09 -7.55
C LEU D 96 7.96 -13.90 -9.00
N THR D 97 7.48 -14.74 -9.90
CA THR D 97 7.86 -14.62 -11.31
C THR D 97 6.83 -13.87 -12.14
N GLY D 98 5.63 -13.68 -11.60
CA GLY D 98 4.60 -12.95 -12.33
C GLY D 98 3.98 -13.68 -13.50
N LYS D 99 4.20 -14.99 -13.62
CA LYS D 99 3.73 -15.74 -14.77
C LYS D 99 2.39 -16.41 -14.47
N ASN D 100 1.64 -16.71 -15.54
CA ASN D 100 0.34 -17.37 -15.46
C ASN D 100 0.48 -18.89 -15.32
N LEU D 101 -0.34 -19.49 -14.45
CA LEU D 101 -0.51 -20.94 -14.48
C LEU D 101 -1.11 -21.33 -15.83
N HIS D 102 -0.46 -22.26 -16.52
CA HIS D 102 -0.70 -22.45 -17.95
C HIS D 102 -0.75 -23.94 -18.29
N THR D 103 -1.52 -24.28 -19.34
CA THR D 103 -1.49 -25.63 -19.89
C THR D 103 -1.76 -25.56 -21.39
N HIS D 104 -1.53 -26.68 -22.06
CA HIS D 104 -1.51 -26.73 -23.51
C HIS D 104 -1.43 -28.19 -23.92
N GLU D 105 -1.55 -28.43 -25.22
CA GLU D 105 -1.59 -29.79 -25.76
C GLU D 105 -0.16 -30.28 -25.98
N VAL D 106 0.51 -30.54 -24.87
CA VAL D 106 1.91 -30.96 -24.81
C VAL D 106 1.95 -32.10 -23.78
N PRO D 107 2.61 -33.22 -24.07
CA PRO D 107 2.66 -34.30 -23.07
C PRO D 107 3.44 -33.87 -21.82
N ALA D 108 2.89 -34.24 -20.66
CA ALA D 108 3.53 -33.95 -19.39
C ALA D 108 4.87 -34.68 -19.32
N PRO D 109 5.80 -34.20 -18.46
CA PRO D 109 7.17 -34.77 -18.46
C PRO D 109 7.22 -36.24 -18.14
N ILE D 110 6.43 -36.73 -17.19
CA ILE D 110 6.46 -38.13 -16.79
C ILE D 110 5.18 -38.85 -17.20
N SER D 111 4.03 -38.26 -16.91
CA SER D 111 2.73 -38.86 -17.23
C SER D 111 2.40 -38.52 -18.67
N LYS D 112 2.91 -39.36 -19.59
CA LYS D 112 2.87 -39.05 -21.02
C LYS D 112 1.46 -38.96 -21.57
N SER D 113 0.47 -39.54 -20.88
CA SER D 113 -0.91 -39.48 -21.36
C SER D 113 -1.67 -38.26 -20.86
N GLU D 114 -1.02 -37.35 -20.14
CA GLU D 114 -1.66 -36.15 -19.61
C GLU D 114 -0.98 -34.91 -20.17
N TYR D 115 -1.50 -33.74 -19.80
CA TYR D 115 -1.04 -32.46 -20.33
C TYR D 115 -0.02 -31.82 -19.39
N GLU D 116 1.02 -31.26 -20.00
CA GLU D 116 2.03 -30.52 -19.25
C GLU D 116 1.41 -29.25 -18.69
N VAL D 117 1.78 -28.92 -17.47
CA VAL D 117 1.41 -27.66 -16.82
C VAL D 117 2.68 -26.85 -16.64
N SER D 118 2.63 -25.56 -17.02
CA SER D 118 3.79 -24.68 -16.96
C SER D 118 3.36 -23.32 -16.42
N ALA D 119 4.32 -22.39 -16.31
CA ALA D 119 4.07 -20.99 -16.02
C ALA D 119 4.49 -20.16 -17.23
N TYR D 120 3.61 -19.28 -17.69
CA TYR D 120 3.72 -18.72 -19.03
C TYR D 120 3.19 -17.29 -19.04
N GLY D 121 3.83 -16.42 -19.83
CA GLY D 121 3.35 -15.06 -20.00
C GLY D 121 3.44 -14.21 -18.74
N ASP D 122 2.62 -13.16 -18.68
CA ASP D 122 2.57 -12.30 -17.50
C ASP D 122 1.20 -11.64 -17.43
N VAL D 123 1.07 -10.57 -16.63
CA VAL D 123 -0.24 -9.96 -16.47
C VAL D 123 -0.82 -9.56 -17.81
N ASP D 124 0.03 -9.18 -18.76
CA ASP D 124 -0.41 -8.68 -20.05
C ASP D 124 -0.25 -9.68 -21.20
N LEU D 125 0.62 -10.68 -21.05
CA LEU D 125 0.93 -11.60 -22.15
C LEU D 125 0.49 -13.01 -21.81
N GLY D 126 0.07 -13.74 -22.82
CA GLY D 126 -0.37 -15.11 -22.67
C GLY D 126 -1.52 -15.38 -23.61
N ASP D 127 -2.32 -16.38 -23.31
CA ASP D 127 -3.52 -16.63 -24.10
C ASP D 127 -4.62 -17.14 -23.19
N TYR D 128 -5.69 -17.63 -23.80
CA TYR D 128 -6.88 -17.97 -23.05
C TYR D 128 -6.77 -19.32 -22.34
N LYS D 129 -5.72 -20.09 -22.62
CA LYS D 129 -5.50 -21.29 -21.82
C LYS D 129 -4.99 -20.95 -20.43
N ASP D 130 -4.77 -19.67 -20.13
CA ASP D 130 -4.48 -19.25 -18.77
C ASP D 130 -5.72 -19.07 -17.93
N ASN D 131 -6.91 -19.26 -18.52
CA ASN D 131 -8.17 -19.08 -17.81
C ASN D 131 -8.60 -20.42 -17.21
N TRP D 132 -8.82 -20.42 -15.90
CA TRP D 132 -9.19 -21.64 -15.19
C TRP D 132 -10.54 -21.44 -14.50
N ILE D 133 -11.31 -22.52 -14.45
CA ILE D 133 -12.57 -22.54 -13.71
C ILE D 133 -12.30 -23.06 -12.32
N ILE D 134 -12.83 -22.37 -11.31
CA ILE D 134 -12.70 -22.76 -9.91
C ILE D 134 -14.00 -23.43 -9.51
N GLU D 135 -13.94 -24.72 -9.22
CA GLU D 135 -15.12 -25.52 -8.88
C GLU D 135 -15.01 -25.97 -7.43
N ILE D 136 -15.96 -25.52 -6.60
CA ILE D 136 -15.96 -25.85 -5.18
C ILE D 136 -16.62 -27.21 -4.98
N VAL D 137 -15.91 -28.13 -4.33
CA VAL D 137 -16.39 -29.50 -4.18
C VAL D 137 -16.66 -29.90 -2.73
N GLU D 138 -16.19 -29.13 -1.76
CA GLU D 138 -16.48 -29.40 -0.36
C GLU D 138 -16.33 -28.13 0.44
N GLN D 139 -17.16 -27.98 1.47
CA GLN D 139 -17.23 -26.76 2.28
C GLN D 139 -17.46 -27.19 3.72
N VAL D 140 -16.41 -27.10 4.54
CA VAL D 140 -16.52 -27.40 5.97
C VAL D 140 -16.92 -26.12 6.69
N GLY D 141 -17.94 -26.20 7.52
CA GLY D 141 -18.46 -25.02 8.19
C GLY D 141 -19.64 -24.42 7.45
N GLU D 142 -20.21 -23.39 8.07
CA GLU D 142 -21.40 -22.73 7.54
C GLU D 142 -21.11 -21.31 7.08
N GLU D 143 -19.89 -21.04 6.63
CA GLU D 143 -19.58 -19.76 6.00
C GLU D 143 -20.23 -19.73 4.61
N ASP D 144 -19.92 -18.69 3.84
CA ASP D 144 -20.49 -18.55 2.50
C ASP D 144 -20.01 -19.68 1.60
N PRO D 145 -20.88 -20.60 1.22
CA PRO D 145 -20.45 -21.75 0.42
C PRO D 145 -19.95 -21.40 -0.99
N THR D 146 -20.11 -20.17 -1.46
CA THR D 146 -19.68 -19.83 -2.81
C THR D 146 -18.30 -19.17 -2.86
N LEU D 147 -17.69 -18.88 -1.71
CA LEU D 147 -16.40 -18.24 -1.62
C LEU D 147 -15.35 -19.22 -1.14
N LEU D 148 -14.07 -18.88 -1.37
CA LEU D 148 -12.95 -19.72 -0.94
C LEU D 148 -12.53 -19.33 0.47
N HIS D 149 -12.40 -20.33 1.34
CA HIS D 149 -11.94 -20.05 2.70
C HIS D 149 -10.69 -20.86 3.01
N PRO D 150 -9.72 -20.29 3.71
CA PRO D 150 -8.52 -21.05 4.09
C PRO D 150 -8.86 -22.34 4.81
N LEU D 151 -8.22 -23.43 4.37
CA LEU D 151 -8.30 -24.76 4.96
C LEU D 151 -9.65 -25.44 4.76
N SER D 152 -10.75 -24.73 4.94
CA SER D 152 -12.06 -25.38 5.02
C SER D 152 -12.75 -25.58 3.67
N THR D 153 -12.22 -24.99 2.60
CA THR D 153 -12.78 -25.16 1.25
C THR D 153 -11.90 -26.11 0.45
N SER D 154 -12.52 -27.11 -0.18
CA SER D 154 -11.88 -27.93 -1.20
C SER D 154 -12.39 -27.50 -2.57
N PHE D 155 -11.48 -27.41 -3.55
CA PHE D 155 -11.91 -26.95 -4.86
C PHE D 155 -11.02 -27.58 -5.93
N ARG D 156 -11.57 -27.67 -7.13
CA ARG D 156 -10.90 -28.19 -8.31
C ARG D 156 -10.60 -27.04 -9.28
N ILE D 157 -9.56 -27.23 -10.10
CA ILE D 157 -9.05 -26.18 -10.99
C ILE D 157 -9.13 -26.73 -12.42
N LYS D 158 -10.08 -26.24 -13.21
CA LYS D 158 -10.42 -26.82 -14.51
C LYS D 158 -10.06 -25.84 -15.63
N ASN D 159 -9.28 -26.32 -16.60
CA ASN D 159 -8.90 -25.45 -17.70
C ASN D 159 -10.11 -25.15 -18.58
N SER D 160 -10.35 -23.86 -18.83
CA SER D 160 -11.54 -23.47 -19.57
C SER D 160 -11.45 -23.88 -21.04
N ILE D 161 -10.25 -23.92 -21.59
CA ILE D 161 -10.10 -24.26 -23.01
C ILE D 161 -9.97 -25.77 -23.22
N LEU D 162 -9.16 -26.45 -22.43
CA LEU D 162 -8.92 -27.88 -22.65
C LEU D 162 -9.84 -28.78 -21.83
N GLY D 163 -10.45 -28.28 -20.75
CA GLY D 163 -11.39 -29.06 -19.98
C GLY D 163 -10.78 -30.00 -18.95
N CYS D 164 -9.46 -30.06 -18.86
CA CYS D 164 -8.76 -30.96 -17.97
C CYS D 164 -8.66 -30.33 -16.58
N TYR D 165 -8.28 -31.15 -15.60
CA TYR D 165 -8.21 -30.74 -14.20
C TYR D 165 -6.77 -30.73 -13.70
N LEU D 166 -6.37 -29.64 -13.04
CA LEU D 166 -5.03 -29.56 -12.47
C LEU D 166 -4.84 -30.63 -11.40
N ALA D 167 -3.69 -31.32 -11.40
CA ALA D 167 -3.53 -32.46 -10.51
C ALA D 167 -2.08 -32.66 -10.10
N GLN D 168 -1.89 -33.08 -8.86
CA GLN D 168 -0.63 -33.69 -8.45
C GLN D 168 -0.67 -35.15 -8.88
N SER D 169 0.12 -35.47 -9.91
CA SER D 169 -0.02 -36.77 -10.56
C SER D 169 0.40 -37.92 -9.63
N GLY D 170 1.30 -37.65 -8.70
CA GLY D 170 1.92 -38.68 -7.89
C GLY D 170 3.29 -39.08 -8.36
N LYS D 171 3.70 -38.62 -9.53
CA LYS D 171 5.02 -38.89 -10.07
C LYS D 171 6.01 -37.83 -9.59
N HIS D 172 7.28 -38.19 -9.61
CA HIS D 172 8.35 -37.29 -9.24
C HIS D 172 9.15 -36.90 -10.47
N LEU D 173 9.51 -35.63 -10.56
CA LEU D 173 10.34 -35.18 -11.67
C LEU D 173 11.77 -35.69 -11.51
N PRO D 174 12.56 -35.69 -12.58
CA PRO D 174 14.00 -35.98 -12.44
C PRO D 174 14.76 -34.85 -11.76
N GLU D 175 16.10 -34.97 -11.76
CA GLU D 175 16.93 -33.97 -11.09
C GLU D 175 16.81 -32.59 -11.70
N TRP D 176 16.44 -32.50 -12.99
CA TRP D 176 16.28 -31.17 -13.57
C TRP D 176 15.07 -30.43 -13.01
N GLY D 177 14.17 -31.13 -12.33
CA GLY D 177 13.07 -30.49 -11.65
C GLY D 177 13.21 -30.65 -10.15
N PHE D 178 14.45 -30.87 -9.70
CA PHE D 178 14.83 -30.98 -8.29
C PHE D 178 14.08 -32.10 -7.57
N ARG D 179 13.62 -33.10 -8.32
CA ARG D 179 12.86 -34.24 -7.80
C ARG D 179 11.60 -33.79 -7.07
N GLN D 180 11.06 -32.63 -7.46
CA GLN D 180 9.76 -32.21 -6.96
C GLN D 180 8.65 -32.96 -7.68
N GLY D 181 7.44 -32.86 -7.15
CA GLY D 181 6.33 -33.64 -7.67
C GLY D 181 5.80 -33.08 -8.98
N GLU D 182 5.46 -33.99 -9.89
CA GLU D 182 4.91 -33.58 -11.18
C GLU D 182 3.51 -32.99 -11.01
N VAL D 183 3.23 -31.93 -11.76
CA VAL D 183 1.89 -31.36 -11.85
C VAL D 183 1.41 -31.51 -13.28
N VAL D 184 0.19 -32.02 -13.45
CA VAL D 184 -0.39 -32.26 -14.76
C VAL D 184 -1.80 -31.70 -14.81
N CYS D 185 -2.34 -31.67 -16.03
CA CYS D 185 -3.77 -31.43 -16.26
C CYS D 185 -4.34 -32.77 -16.72
N LEU D 186 -5.18 -33.37 -15.88
CA LEU D 186 -5.73 -34.70 -16.17
C LEU D 186 -6.85 -34.61 -17.19
N LYS D 187 -6.71 -35.36 -18.30
CA LYS D 187 -7.71 -35.30 -19.37
C LYS D 187 -9.06 -35.84 -18.91
N HIS D 188 -9.07 -36.95 -18.18
CA HIS D 188 -10.32 -37.63 -17.81
C HIS D 188 -10.25 -37.92 -16.31
N ALA D 189 -10.60 -36.93 -15.51
CA ALA D 189 -10.61 -37.07 -14.06
C ALA D 189 -12.01 -37.33 -13.57
N SER D 190 -12.13 -38.20 -12.55
CA SER D 190 -13.38 -38.36 -11.85
C SER D 190 -13.51 -37.30 -10.76
N LYS D 191 -14.75 -37.03 -10.36
CA LYS D 191 -15.00 -36.00 -9.36
C LYS D 191 -14.36 -36.35 -8.01
N ARG D 192 -14.20 -37.64 -7.72
CA ARG D 192 -13.73 -38.12 -6.42
C ARG D 192 -12.23 -38.40 -6.39
N ASP D 193 -11.48 -38.04 -7.43
CA ASP D 193 -10.04 -38.23 -7.47
C ASP D 193 -9.37 -37.11 -6.68
N LYS D 194 -8.86 -37.40 -5.49
CA LYS D 194 -8.35 -36.33 -4.64
C LYS D 194 -7.06 -35.70 -5.18
N ARG D 195 -6.43 -36.30 -6.19
CA ARG D 195 -5.30 -35.62 -6.83
C ARG D 195 -5.73 -34.33 -7.51
N THR D 196 -7.04 -34.17 -7.80
CA THR D 196 -7.58 -32.95 -8.39
C THR D 196 -8.20 -32.01 -7.37
N TRP D 197 -8.16 -32.36 -6.08
CA TRP D 197 -8.71 -31.52 -5.03
C TRP D 197 -7.60 -30.67 -4.40
N TRP D 198 -7.89 -29.39 -4.20
CA TRP D 198 -6.94 -28.43 -3.64
C TRP D 198 -7.59 -27.63 -2.51
N ASN D 199 -6.77 -27.05 -1.64
CA ASN D 199 -7.30 -26.12 -0.65
C ASN D 199 -6.38 -24.91 -0.54
N ILE D 200 -6.92 -23.84 0.03
CA ILE D 200 -6.12 -22.68 0.40
C ILE D 200 -5.42 -23.01 1.71
N GLU D 201 -4.08 -23.04 1.67
CA GLU D 201 -3.32 -23.38 2.87
C GLU D 201 -2.92 -22.15 3.68
N THR D 202 -2.32 -21.14 3.05
CA THR D 202 -2.04 -19.87 3.71
C THR D 202 -2.72 -18.73 2.94
N HIS D 203 -2.97 -17.62 3.64
CA HIS D 203 -3.73 -16.50 3.09
C HIS D 203 -3.26 -15.20 3.75
N GLU D 204 -2.74 -14.28 2.95
CA GLU D 204 -2.31 -12.97 3.41
C GLU D 204 -3.05 -11.91 2.62
N ASN D 205 -3.70 -10.98 3.30
CA ASN D 205 -4.33 -9.84 2.61
C ASN D 205 -4.55 -8.75 3.64
N GLU D 206 -3.74 -7.71 3.58
CA GLU D 206 -3.87 -6.61 4.53
C GLU D 206 -5.14 -5.79 4.30
N ARG D 207 -5.84 -5.97 3.18
CA ARG D 207 -7.07 -5.22 2.96
C ARG D 207 -8.27 -5.80 3.70
N LEU D 208 -8.14 -6.99 4.29
CA LEU D 208 -9.26 -7.72 4.88
C LEU D 208 -9.07 -7.91 6.38
N PRO D 209 -10.16 -8.02 7.15
CA PRO D 209 -10.02 -8.31 8.57
C PRO D 209 -9.45 -9.70 8.77
N GLN D 210 -8.67 -9.86 9.85
CA GLN D 210 -8.07 -11.17 10.14
C GLN D 210 -9.11 -12.19 10.57
#